data_3IXT
#
_entry.id   3IXT
#
_cell.length_a   90.752
_cell.length_b   90.752
_cell.length_c   232.057
_cell.angle_alpha   90.00
_cell.angle_beta   90.00
_cell.angle_gamma   90.00
#
_symmetry.space_group_name_H-M   'P 43 21 2'
#
loop_
_entity.id
_entity.type
_entity.pdbx_description
1 polymer 'Motavizumab Fab light chain'
2 polymer 'Motavizumab Fab heavy chain'
3 polymer 'Fusion glycoprotein F1'
4 non-polymer 1,2-ETHANEDIOL
5 water water
#
loop_
_entity_poly.entity_id
_entity_poly.type
_entity_poly.pdbx_seq_one_letter_code
_entity_poly.pdbx_strand_id
1 'polypeptide(L)'
;DIQMTQSPSTLSASVGDRVTITCSASSRVGYMHWYQQKPGKAPKLLIYDTSKLASGVPSRFSGSGSGTEFTLTISSLQPD
DFATYYCFQGSGYPFTFGGGTKVEIKRTVAAPSVFIFPPSDEQLKSGTASVVCLLNNFYPREAKVQWKVDNALQSGNSQE
SVTEQDSKDSTYSLSSTLTLSKADYEKHKVYACEVTHQGLSSPVTKSFNRGEC
;
L,B
2 'polypeptide(L)'
;QVTLRESGPALVKPTQTLTLTCTFSGFSLSTAGMSVGWIRQPPGKALEWLADIWWDDKKHYNPSLKDRLTISKDTSKNQV
VLKVTNMDPADTATYYCARDMIFNFYFDVWGQGTTVTVSSASTKGPSVFPLAPSSKSTSGGTAALGCLVKDYFPEPVTVS
WNSGALTSGVHTFPAVLQSSGLYSLSSVVTVPSSSLGTQTYICNVNHKPSNTKVDKKVEPKSCDK
;
H,A
3 'polypeptide(L)' (ACE)NSELLSLINDMPITNDQKKLMSNN(NH2) P,C
#
loop_
_chem_comp.id
_chem_comp.type
_chem_comp.name
_chem_comp.formula
ACE non-polymer 'ACETYL GROUP' 'C2 H4 O'
EDO non-polymer 1,2-ETHANEDIOL 'C2 H6 O2'
NH2 non-polymer 'AMINO GROUP' 'H2 N'
#
# COMPACT_ATOMS: atom_id res chain seq x y z
N ASP A 1 -12.25 16.95 7.63
CA ASP A 1 -12.94 15.68 7.87
C ASP A 1 -12.56 15.09 9.22
N ILE A 2 -13.14 13.94 9.56
CA ILE A 2 -12.94 13.34 10.88
C ILE A 2 -12.14 12.04 10.81
N GLN A 3 -10.95 12.05 11.40
CA GLN A 3 -10.10 10.86 11.42
C GLN A 3 -10.23 10.12 12.75
N MET A 4 -9.89 8.83 12.74
CA MET A 4 -10.03 7.98 13.93
C MET A 4 -8.73 7.28 14.25
N THR A 5 -8.22 7.46 15.47
CA THR A 5 -7.02 6.76 15.90
C THR A 5 -7.39 5.66 16.88
N GLN A 6 -7.03 4.43 16.53
CA GLN A 6 -7.44 3.27 17.30
C GLN A 6 -6.24 2.61 17.98
N SER A 7 -6.39 2.25 19.25
CA SER A 7 -5.32 1.55 19.95
C SER A 7 -5.89 0.55 20.96
N PRO A 8 -5.16 -0.56 21.17
CA PRO A 8 -3.90 -0.85 20.50
C PRO A 8 -4.16 -1.30 19.08
N SER A 9 -3.15 -1.27 18.22
CA SER A 9 -3.33 -1.75 16.86
C SER A 9 -3.37 -3.28 16.84
N THR A 10 -2.71 -3.90 17.81
CA THR A 10 -2.70 -5.35 17.92
C THR A 10 -2.89 -5.74 19.38
N LEU A 11 -3.22 -7.01 19.61
CA LEU A 11 -3.57 -7.45 20.94
C LEU A 11 -3.57 -8.96 21.04
N SER A 12 -3.12 -9.47 22.18
CA SER A 12 -3.15 -10.90 22.44
C SER A 12 -3.61 -11.10 23.88
N ALA A 13 -4.65 -11.90 24.08
CA ALA A 13 -5.16 -12.14 25.42
C ALA A 13 -5.72 -13.55 25.60
N SER A 14 -5.66 -14.04 26.84
CA SER A 14 -6.15 -15.38 27.16
C SER A 14 -7.67 -15.39 27.30
N VAL A 15 -8.28 -16.52 26.98
CA VAL A 15 -9.70 -16.71 27.18
C VAL A 15 -10.06 -16.39 28.61
N GLY A 16 -10.98 -15.45 28.80
CA GLY A 16 -11.39 -15.04 30.13
C GLY A 16 -10.91 -13.63 30.49
N ASP A 17 -9.89 -13.15 29.78
CA ASP A 17 -9.33 -11.84 30.05
C ASP A 17 -10.31 -10.72 29.67
N ARG A 18 -10.23 -9.61 30.38
CA ARG A 18 -10.99 -8.42 30.00
C ARG A 18 -10.17 -7.64 28.99
N VAL A 19 -10.78 -7.25 27.88
CA VAL A 19 -10.07 -6.54 26.82
C VAL A 19 -10.77 -5.23 26.47
N THR A 20 -9.99 -4.15 26.43
CA THR A 20 -10.55 -2.84 26.13
C THR A 20 -9.85 -2.17 24.93
N ILE A 21 -10.65 -1.82 23.93
CA ILE A 21 -10.15 -1.16 22.74
C ILE A 21 -10.59 0.30 22.71
N THR A 22 -9.67 1.20 22.35
CA THR A 22 -9.96 2.63 22.40
C THR A 22 -9.93 3.29 21.02
N CYS A 23 -10.89 4.19 20.79
CA CYS A 23 -10.92 4.99 19.57
C CYS A 23 -10.99 6.46 19.92
N SER A 24 -10.09 7.25 19.35
CA SER A 24 -10.04 8.69 19.63
C SER A 24 -10.19 9.51 18.35
N ALA A 25 -11.30 10.23 18.25
CA ALA A 25 -11.60 11.01 17.05
C ALA A 25 -10.98 12.40 17.09
N SER A 26 -10.64 12.93 15.92
CA SER A 26 -10.03 14.24 15.81
C SER A 26 -11.00 15.36 16.17
N SER A 27 -12.29 15.10 16.00
CA SER A 27 -13.33 16.07 16.34
C SER A 27 -14.52 15.41 17.04
N ARG A 28 -15.34 16.23 17.70
CA ARG A 28 -16.47 15.75 18.50
C ARG A 28 -17.49 14.99 17.67
N VAL A 29 -18.02 13.91 18.23
CA VAL A 29 -18.98 13.03 17.54
C VAL A 29 -20.13 12.63 18.46
N GLY A 30 -21.31 12.46 17.87
CA GLY A 30 -22.50 12.11 18.64
C GLY A 30 -22.57 10.66 19.07
N TYR A 31 -22.27 9.74 18.15
CA TYR A 31 -22.29 8.31 18.44
C TYR A 31 -21.08 7.62 17.83
N MET A 32 -20.56 6.60 18.50
CA MET A 32 -19.52 5.75 17.93
C MET A 32 -20.06 4.34 17.70
N HIS A 33 -19.69 3.76 16.56
CA HIS A 33 -20.18 2.43 16.19
C HIS A 33 -19.00 1.49 15.97
N TRP A 34 -19.22 0.19 16.18
CA TRP A 34 -18.14 -0.78 16.13
C TRP A 34 -18.45 -1.98 15.23
N TYR A 35 -17.44 -2.40 14.48
CA TYR A 35 -17.60 -3.50 13.53
C TYR A 35 -16.60 -4.60 13.83
N GLN A 36 -17.07 -5.83 13.81
CA GLN A 36 -16.19 -6.98 13.92
C GLN A 36 -16.01 -7.58 12.55
N GLN A 37 -14.79 -7.96 12.21
CA GLN A 37 -14.54 -8.60 10.93
C GLN A 37 -13.70 -9.84 11.08
N LYS A 38 -14.22 -10.95 10.55
CA LYS A 38 -13.48 -12.20 10.47
C LYS A 38 -12.72 -12.20 9.15
N PRO A 39 -11.71 -13.08 9.03
CA PRO A 39 -10.88 -13.12 7.82
C PRO A 39 -11.69 -13.47 6.57
N GLY A 40 -11.50 -12.70 5.51
CA GLY A 40 -12.18 -12.97 4.25
C GLY A 40 -13.70 -12.91 4.36
N LYS A 41 -14.19 -12.34 5.46
CA LYS A 41 -15.62 -12.16 5.65
C LYS A 41 -15.98 -10.69 5.64
N ALA A 42 -17.26 -10.40 5.48
CA ALA A 42 -17.73 -9.01 5.53
C ALA A 42 -17.90 -8.60 6.99
N PRO A 43 -17.64 -7.32 7.27
CA PRO A 43 -17.77 -6.78 8.63
C PRO A 43 -19.18 -6.92 9.18
N LYS A 44 -19.29 -7.28 10.45
CA LYS A 44 -20.58 -7.38 11.11
C LYS A 44 -20.67 -6.26 12.15
N LEU A 45 -21.86 -5.70 12.31
CA LEU A 45 -22.09 -4.66 13.30
C LEU A 45 -22.14 -5.24 14.70
N LEU A 46 -21.24 -4.79 15.57
CA LEU A 46 -21.20 -5.25 16.97
C LEU A 46 -21.94 -4.32 17.92
N ILE A 47 -21.48 -3.08 17.98
CA ILE A 47 -22.07 -2.06 18.84
C ILE A 47 -22.49 -0.87 17.99
N TYR A 48 -23.69 -0.37 18.26
CA TYR A 48 -24.16 0.85 17.60
C TYR A 48 -24.64 1.84 18.65
N ASP A 49 -24.79 3.10 18.24
CA ASP A 49 -25.18 4.17 19.16
C ASP A 49 -24.31 4.21 20.41
N THR A 50 -23.03 3.89 20.24
CA THR A 50 -22.03 4.01 21.31
C THR A 50 -22.01 2.85 22.32
N SER A 51 -23.18 2.39 22.74
CA SER A 51 -23.27 1.37 23.77
C SER A 51 -24.37 0.34 23.55
N LYS A 52 -25.08 0.45 22.43
CA LYS A 52 -26.19 -0.45 22.13
C LYS A 52 -25.68 -1.73 21.48
N LEU A 53 -26.18 -2.87 21.98
CA LEU A 53 -25.80 -4.17 21.43
C LEU A 53 -26.61 -4.53 20.20
N ALA A 54 -25.92 -4.74 19.07
CA ALA A 54 -26.59 -5.20 17.86
C ALA A 54 -27.21 -6.57 18.11
N SER A 55 -28.16 -6.95 17.28
CA SER A 55 -28.86 -8.23 17.45
C SER A 55 -27.94 -9.41 17.20
N GLY A 56 -28.05 -10.44 18.04
CA GLY A 56 -27.24 -11.63 17.92
C GLY A 56 -25.84 -11.45 18.45
N VAL A 57 -25.64 -10.43 19.29
CA VAL A 57 -24.32 -10.13 19.83
C VAL A 57 -24.30 -10.36 21.34
N PRO A 58 -23.43 -11.26 21.80
CA PRO A 58 -23.32 -11.65 23.21
C PRO A 58 -23.16 -10.45 24.11
N SER A 59 -23.89 -10.43 25.23
CA SER A 59 -23.81 -9.34 26.19
C SER A 59 -22.39 -9.20 26.73
N ARG A 60 -21.55 -10.17 26.38
CA ARG A 60 -20.13 -10.13 26.67
C ARG A 60 -19.50 -8.82 26.18
N PHE A 61 -20.01 -8.32 25.06
CA PHE A 61 -19.55 -7.04 24.50
C PHE A 61 -20.30 -5.85 25.11
N SER A 62 -19.63 -4.70 25.14
CA SER A 62 -20.22 -3.48 25.68
C SER A 62 -19.50 -2.25 25.16
N GLY A 63 -20.19 -1.10 25.19
CA GLY A 63 -19.63 0.12 24.67
C GLY A 63 -19.79 1.30 25.61
N SER A 64 -18.93 2.30 25.44
CA SER A 64 -18.94 3.45 26.31
C SER A 64 -18.08 4.58 25.76
N GLY A 65 -18.47 5.82 26.04
CA GLY A 65 -17.71 6.98 25.62
C GLY A 65 -18.54 8.16 25.17
N SER A 66 -17.88 9.28 24.90
CA SER A 66 -18.53 10.48 24.42
C SER A 66 -17.50 11.48 23.92
N GLY A 67 -17.97 12.50 23.20
CA GLY A 67 -17.08 13.51 22.65
C GLY A 67 -16.11 12.95 21.63
N THR A 68 -14.86 12.76 22.04
CA THR A 68 -13.83 12.26 21.14
C THR A 68 -13.22 10.95 21.62
N GLU A 69 -13.67 10.47 22.78
CA GLU A 69 -13.13 9.24 23.37
C GLU A 69 -14.18 8.16 23.57
N PHE A 70 -13.96 7.02 22.94
CA PHE A 70 -14.86 5.89 23.05
C PHE A 70 -14.05 4.60 23.26
N THR A 71 -14.65 3.64 23.96
CA THR A 71 -14.01 2.35 24.17
C THR A 71 -14.98 1.20 23.95
N LEU A 72 -14.47 0.11 23.38
CA LEU A 72 -15.19 -1.14 23.27
C LEU A 72 -14.58 -2.10 24.27
N THR A 73 -15.41 -2.86 24.97
CA THR A 73 -14.89 -3.79 25.98
C THR A 73 -15.50 -5.18 25.91
N ILE A 74 -14.63 -6.17 25.77
CA ILE A 74 -15.05 -7.56 25.82
C ILE A 74 -14.78 -8.10 27.22
N SER A 75 -15.84 -8.31 27.99
CA SER A 75 -15.71 -8.73 29.38
C SER A 75 -14.83 -9.96 29.55
N SER A 76 -15.30 -11.12 29.06
CA SER A 76 -14.49 -12.34 29.14
C SER A 76 -14.21 -12.93 27.76
N LEU A 77 -13.03 -12.63 27.24
CA LEU A 77 -12.64 -12.99 25.88
C LEU A 77 -12.78 -14.47 25.57
N GLN A 78 -13.26 -14.78 24.36
CA GLN A 78 -13.45 -16.17 23.96
C GLN A 78 -12.95 -16.46 22.54
N PRO A 79 -12.70 -17.74 22.24
CA PRO A 79 -12.10 -18.16 20.97
C PRO A 79 -12.73 -17.49 19.75
N ASP A 80 -14.05 -17.42 19.70
CA ASP A 80 -14.73 -16.90 18.53
C ASP A 80 -14.56 -15.39 18.36
N ASP A 81 -13.82 -14.76 19.28
CA ASP A 81 -13.64 -13.32 19.25
C ASP A 81 -12.44 -12.90 18.43
N PHE A 82 -11.65 -13.88 17.99
CA PHE A 82 -10.56 -13.57 17.07
C PHE A 82 -11.13 -12.82 15.88
N ALA A 83 -10.64 -11.61 15.66
CA ALA A 83 -11.17 -10.76 14.61
C ALA A 83 -10.41 -9.46 14.56
N THR A 84 -10.76 -8.62 13.60
CA THR A 84 -10.24 -7.26 13.55
C THR A 84 -11.40 -6.30 13.83
N TYR A 85 -11.20 -5.40 14.78
CA TYR A 85 -12.27 -4.51 15.19
C TYR A 85 -12.07 -3.09 14.67
N TYR A 86 -13.15 -2.49 14.18
CA TYR A 86 -13.10 -1.14 13.64
C TYR A 86 -14.18 -0.28 14.29
N CYS A 87 -13.83 0.97 14.61
CA CYS A 87 -14.83 1.94 15.00
C CYS A 87 -15.32 2.65 13.75
N PHE A 88 -16.50 3.24 13.83
CA PHE A 88 -17.09 3.91 12.68
C PHE A 88 -17.92 5.09 13.12
N GLN A 89 -17.69 6.23 12.48
CA GLN A 89 -18.50 7.41 12.73
C GLN A 89 -19.32 7.74 11.50
N GLY A 90 -20.56 8.16 11.72
CA GLY A 90 -21.44 8.58 10.64
C GLY A 90 -22.02 9.95 10.93
N SER A 91 -21.44 10.62 11.92
CA SER A 91 -21.91 11.92 12.37
C SER A 91 -21.58 13.04 11.38
N GLY A 92 -20.59 12.79 10.53
CA GLY A 92 -20.19 13.75 9.52
C GLY A 92 -19.55 13.11 8.31
N TYR A 93 -19.64 13.78 7.16
CA TYR A 93 -19.05 13.30 5.93
C TYR A 93 -17.63 13.84 5.73
N PRO A 94 -16.72 13.00 5.21
CA PRO A 94 -17.00 11.61 4.80
C PRO A 94 -17.12 10.68 6.00
N PHE A 95 -17.76 9.53 5.81
CA PHE A 95 -17.78 8.51 6.84
C PHE A 95 -16.37 7.94 6.96
N THR A 96 -16.00 7.53 8.16
CA THR A 96 -14.65 7.04 8.38
C THR A 96 -14.61 5.88 9.36
N PHE A 97 -13.64 4.98 9.16
CA PHE A 97 -13.38 3.89 10.08
C PHE A 97 -12.06 4.17 10.79
N GLY A 98 -11.82 3.47 11.89
CA GLY A 98 -10.54 3.56 12.55
C GLY A 98 -9.53 2.64 11.87
N GLY A 99 -8.25 2.84 12.18
CA GLY A 99 -7.19 2.03 11.62
C GLY A 99 -7.41 0.53 11.83
N GLY A 100 -8.08 0.18 12.92
CA GLY A 100 -8.37 -1.21 13.21
C GLY A 100 -7.54 -1.78 14.35
N THR A 101 -8.11 -2.77 15.04
CA THR A 101 -7.40 -3.47 16.11
C THR A 101 -7.51 -4.98 15.88
N LYS A 102 -6.37 -5.65 15.85
CA LYS A 102 -6.33 -7.09 15.59
C LYS A 102 -6.23 -7.86 16.90
N VAL A 103 -7.24 -8.69 17.17
CA VAL A 103 -7.29 -9.48 18.40
C VAL A 103 -6.87 -10.93 18.19
N GLU A 104 -5.80 -11.34 18.87
CA GLU A 104 -5.38 -12.74 18.86
C GLU A 104 -5.64 -13.36 20.22
N ILE A 105 -5.93 -14.67 20.25
CA ILE A 105 -6.24 -15.35 21.50
C ILE A 105 -5.09 -16.20 22.02
N LYS A 106 -4.52 -15.81 23.16
CA LYS A 106 -3.51 -16.63 23.81
C LYS A 106 -4.11 -17.95 24.29
N ARG A 107 -3.56 -19.05 23.82
CA ARG A 107 -3.96 -20.35 24.36
C ARG A 107 -2.74 -21.15 24.79
N THR A 108 -2.98 -22.36 25.28
CA THR A 108 -1.90 -23.22 25.72
C THR A 108 -1.12 -23.73 24.50
N VAL A 109 0.16 -23.96 24.69
CA VAL A 109 1.01 -24.49 23.64
C VAL A 109 0.41 -25.76 23.05
N ALA A 110 0.57 -25.94 21.75
CA ALA A 110 0.10 -27.16 21.08
C ALA A 110 1.05 -27.51 19.94
N ALA A 111 1.49 -28.76 19.90
CA ALA A 111 2.43 -29.20 18.88
C ALA A 111 1.73 -29.58 17.58
N PRO A 112 2.37 -29.27 16.45
CA PRO A 112 1.84 -29.55 15.11
C PRO A 112 1.78 -31.03 14.76
N SER A 113 0.68 -31.47 14.17
CA SER A 113 0.64 -32.74 13.46
C SER A 113 1.25 -32.48 12.10
N VAL A 114 2.33 -33.18 11.77
CA VAL A 114 3.03 -32.94 10.52
C VAL A 114 2.74 -34.00 9.47
N PHE A 115 2.33 -33.56 8.29
CA PHE A 115 2.09 -34.45 7.17
C PHE A 115 2.93 -34.04 5.98
N ILE A 116 3.22 -34.97 5.09
CA ILE A 116 3.93 -34.66 3.86
C ILE A 116 3.23 -35.27 2.65
N PHE A 117 3.19 -34.53 1.56
CA PHE A 117 2.53 -34.97 0.34
C PHE A 117 3.50 -34.93 -0.84
N PRO A 118 3.79 -36.09 -1.43
CA PRO A 118 4.56 -36.10 -2.68
C PRO A 118 3.71 -35.53 -3.81
N PRO A 119 4.36 -35.02 -4.86
CA PRO A 119 3.66 -34.44 -6.01
C PRO A 119 2.69 -35.45 -6.61
N SER A 120 1.56 -34.98 -7.13
CA SER A 120 0.59 -35.85 -7.76
C SER A 120 1.12 -36.33 -9.10
N ASP A 121 0.56 -37.43 -9.61
CA ASP A 121 0.94 -37.92 -10.93
C ASP A 121 0.41 -36.99 -12.02
N GLU A 122 -0.69 -36.31 -11.74
CA GLU A 122 -1.27 -35.38 -12.68
C GLU A 122 -0.39 -34.15 -12.89
N GLN A 123 0.26 -33.69 -11.83
CA GLN A 123 1.14 -32.53 -11.90
C GLN A 123 2.45 -32.90 -12.57
N LEU A 124 2.99 -34.07 -12.24
CA LEU A 124 4.24 -34.53 -12.80
C LEU A 124 4.18 -34.67 -14.33
N LYS A 125 2.96 -34.71 -14.86
CA LYS A 125 2.78 -34.78 -16.31
C LYS A 125 2.87 -33.42 -16.95
N SER A 126 2.55 -32.37 -16.18
CA SER A 126 2.61 -31.01 -16.69
C SER A 126 4.04 -30.50 -16.70
N GLY A 127 4.91 -31.18 -15.96
CA GLY A 127 6.33 -30.86 -15.98
C GLY A 127 6.86 -30.15 -14.74
N THR A 128 6.07 -30.15 -13.67
CA THR A 128 6.48 -29.52 -12.42
C THR A 128 6.17 -30.43 -11.23
N ALA A 129 6.97 -30.33 -10.18
CA ALA A 129 6.78 -31.15 -9.00
C ALA A 129 6.69 -30.29 -7.74
N SER A 130 5.53 -30.31 -7.10
CA SER A 130 5.35 -29.58 -5.84
C SER A 130 5.18 -30.54 -4.68
N VAL A 131 6.14 -30.50 -3.76
CA VAL A 131 6.06 -31.30 -2.54
C VAL A 131 5.50 -30.43 -1.42
N VAL A 132 4.47 -30.93 -0.75
CA VAL A 132 3.80 -30.13 0.27
C VAL A 132 3.95 -30.70 1.68
N CYS A 133 4.37 -29.83 2.60
CA CYS A 133 4.46 -30.18 4.01
C CYS A 133 3.38 -29.43 4.77
N LEU A 134 2.64 -30.14 5.60
CA LEU A 134 1.53 -29.54 6.33
C LEU A 134 1.72 -29.63 7.83
N LEU A 135 1.62 -28.51 8.52
CA LEU A 135 1.62 -28.51 9.98
C LEU A 135 0.23 -28.12 10.46
N ASN A 136 -0.41 -29.03 11.17
CA ASN A 136 -1.82 -28.85 11.51
C ASN A 136 -2.05 -28.54 12.99
N ASN A 137 -2.87 -27.53 13.25
CA ASN A 137 -3.36 -27.22 14.59
C ASN A 137 -2.29 -27.06 15.67
N PHE A 138 -1.48 -26.01 15.54
CA PHE A 138 -0.44 -25.74 16.53
C PHE A 138 -0.53 -24.32 17.08
N TYR A 139 0.27 -24.06 18.10
CA TYR A 139 0.36 -22.75 18.73
C TYR A 139 1.56 -22.75 19.68
N PRO A 140 2.27 -21.63 19.80
CA PRO A 140 2.05 -20.33 19.14
C PRO A 140 2.30 -20.39 17.63
N ARG A 141 2.21 -19.25 16.98
CA ARG A 141 2.28 -19.17 15.52
C ARG A 141 3.67 -19.43 14.98
N GLU A 142 4.69 -19.15 15.78
CA GLU A 142 6.07 -19.35 15.34
C GLU A 142 6.37 -20.82 15.02
N ALA A 143 7.01 -21.04 13.88
CA ALA A 143 7.36 -22.39 13.46
C ALA A 143 8.39 -22.36 12.33
N LYS A 144 9.44 -23.14 12.49
CA LYS A 144 10.49 -23.25 11.49
C LYS A 144 10.35 -24.59 10.78
N VAL A 145 10.27 -24.55 9.45
CA VAL A 145 10.27 -25.77 8.66
C VAL A 145 11.36 -25.73 7.59
N GLN A 146 12.31 -26.66 7.68
CA GLN A 146 13.41 -26.73 6.72
C GLN A 146 13.26 -27.94 5.80
N TRP A 147 13.52 -27.74 4.52
CA TRP A 147 13.47 -28.83 3.56
C TRP A 147 14.82 -29.49 3.37
N LYS A 148 14.82 -30.81 3.22
CA LYS A 148 16.04 -31.56 2.96
C LYS A 148 15.84 -32.55 1.83
N VAL A 149 16.64 -32.40 0.77
CA VAL A 149 16.63 -33.35 -0.32
C VAL A 149 17.93 -34.13 -0.32
N ASP A 150 17.84 -35.42 0.03
CA ASP A 150 19.03 -36.25 0.18
C ASP A 150 19.98 -35.62 1.19
N ASN A 151 19.43 -35.15 2.30
CA ASN A 151 20.21 -34.57 3.39
C ASN A 151 20.87 -33.24 3.02
N ALA A 152 20.40 -32.62 1.95
CA ALA A 152 20.89 -31.30 1.56
C ALA A 152 19.84 -30.23 1.84
N LEU A 153 20.13 -29.34 2.78
CA LEU A 153 19.20 -28.28 3.14
C LEU A 153 18.87 -27.44 1.92
N GLN A 154 17.60 -27.13 1.74
CA GLN A 154 17.14 -26.33 0.61
C GLN A 154 17.00 -24.86 0.98
N SER A 155 17.07 -24.00 -0.04
CA SER A 155 16.87 -22.57 0.13
C SER A 155 16.30 -21.94 -1.14
N GLY A 156 15.40 -20.98 -0.96
CA GLY A 156 14.90 -20.19 -2.06
C GLY A 156 14.02 -20.93 -3.05
N ASN A 157 13.67 -22.17 -2.73
CA ASN A 157 12.78 -22.93 -3.61
C ASN A 157 11.52 -23.44 -2.89
N SER A 158 11.12 -22.74 -1.84
CA SER A 158 9.90 -23.11 -1.10
C SER A 158 9.11 -21.88 -0.66
N GLN A 159 7.82 -22.09 -0.38
CA GLN A 159 6.97 -21.01 0.10
C GLN A 159 6.07 -21.50 1.23
N GLU A 160 5.72 -20.59 2.13
CA GLU A 160 4.91 -20.94 3.28
C GLU A 160 3.65 -20.09 3.34
N SER A 161 2.54 -20.71 3.69
CA SER A 161 1.30 -20.00 3.90
C SER A 161 0.71 -20.43 5.24
N VAL A 162 0.49 -19.47 6.11
CA VAL A 162 -0.06 -19.77 7.43
C VAL A 162 -1.52 -19.33 7.53
N THR A 163 -2.32 -20.16 8.16
CA THR A 163 -3.74 -19.94 8.34
C THR A 163 -4.03 -18.80 9.33
N GLU A 164 -5.23 -18.24 9.26
CA GLU A 164 -5.68 -17.29 10.28
C GLU A 164 -6.12 -18.07 11.51
N GLN A 165 -5.90 -17.52 12.69
CA GLN A 165 -6.23 -18.22 13.93
C GLN A 165 -7.61 -18.88 13.88
N ASP A 166 -7.69 -20.11 14.37
CA ASP A 166 -8.96 -20.83 14.44
C ASP A 166 -9.91 -20.17 15.45
N SER A 167 -11.18 -20.06 15.07
CA SER A 167 -12.16 -19.40 15.92
C SER A 167 -12.75 -20.35 16.96
N LYS A 168 -12.27 -21.59 16.99
CA LYS A 168 -12.74 -22.57 17.96
C LYS A 168 -11.66 -23.04 18.93
N ASP A 169 -10.53 -23.52 18.39
CA ASP A 169 -9.44 -23.98 19.24
C ASP A 169 -8.25 -23.03 19.26
N SER A 170 -8.33 -21.95 18.49
CA SER A 170 -7.36 -20.87 18.56
C SER A 170 -5.98 -21.25 18.01
N THR A 171 -5.92 -22.26 17.16
CA THR A 171 -4.65 -22.73 16.61
C THR A 171 -4.40 -22.25 15.18
N TYR A 172 -3.14 -22.34 14.75
CA TYR A 172 -2.76 -22.01 13.39
C TYR A 172 -2.38 -23.28 12.63
N SER A 173 -2.45 -23.22 11.30
CA SER A 173 -1.97 -24.30 10.46
C SER A 173 -1.14 -23.72 9.32
N LEU A 174 -0.06 -24.41 8.96
CA LEU A 174 0.87 -23.88 7.97
C LEU A 174 1.16 -24.91 6.87
N SER A 175 1.45 -24.39 5.68
CA SER A 175 1.84 -25.25 4.57
C SER A 175 3.14 -24.75 3.99
N SER A 176 4.02 -25.69 3.64
CA SER A 176 5.29 -25.35 3.03
C SER A 176 5.44 -26.12 1.73
N THR A 177 5.49 -25.38 0.61
CA THR A 177 5.53 -26.01 -0.69
C THR A 177 6.91 -25.91 -1.31
N LEU A 178 7.56 -27.06 -1.52
CA LEU A 178 8.80 -27.11 -2.26
C LEU A 178 8.47 -27.36 -3.72
N THR A 179 8.87 -26.44 -4.59
CA THR A 179 8.56 -26.57 -6.01
C THR A 179 9.80 -26.76 -6.86
N LEU A 180 9.86 -27.89 -7.55
CA LEU A 180 10.94 -28.20 -8.45
C LEU A 180 10.40 -28.47 -9.85
N SER A 181 11.29 -28.45 -10.84
CA SER A 181 10.93 -28.94 -12.15
C SER A 181 10.94 -30.47 -12.07
N LYS A 182 10.07 -31.11 -12.84
CA LYS A 182 10.04 -32.57 -12.87
C LYS A 182 11.44 -33.14 -12.97
N ALA A 183 12.26 -32.52 -13.81
CA ALA A 183 13.63 -32.98 -14.04
C ALA A 183 14.47 -33.02 -12.76
N ASP A 184 14.55 -31.87 -12.07
CA ASP A 184 15.29 -31.81 -10.82
C ASP A 184 14.74 -32.78 -9.79
N TYR A 185 13.42 -32.95 -9.80
CA TYR A 185 12.75 -33.82 -8.84
C TYR A 185 13.20 -35.28 -8.97
N GLU A 186 13.14 -35.81 -10.19
CA GLU A 186 13.52 -37.20 -10.42
C GLU A 186 15.01 -37.41 -10.30
N LYS A 187 15.72 -36.32 -10.02
CA LYS A 187 17.17 -36.35 -9.85
C LYS A 187 17.54 -36.77 -8.43
N HIS A 188 16.57 -36.79 -7.53
CA HIS A 188 16.82 -37.07 -6.12
C HIS A 188 15.92 -38.16 -5.55
N LYS A 189 16.32 -38.70 -4.40
CA LYS A 189 15.65 -39.86 -3.81
C LYS A 189 14.75 -39.48 -2.64
N VAL A 190 15.35 -39.08 -1.52
CA VAL A 190 14.60 -38.80 -0.31
C VAL A 190 14.24 -37.32 -0.18
N TYR A 191 12.97 -37.07 0.15
CA TYR A 191 12.50 -35.72 0.41
C TYR A 191 11.99 -35.64 1.83
N ALA A 192 12.58 -34.76 2.62
CA ALA A 192 12.26 -34.70 4.04
C ALA A 192 11.89 -33.29 4.50
N CYS A 193 10.95 -33.22 5.43
CA CYS A 193 10.48 -31.95 5.98
C CYS A 193 10.76 -31.93 7.48
N GLU A 194 11.66 -31.06 7.91
CA GLU A 194 12.01 -30.99 9.34
C GLU A 194 11.37 -29.79 10.04
N VAL A 195 10.57 -30.09 11.06
CA VAL A 195 9.78 -29.07 11.74
C VAL A 195 10.31 -28.76 13.14
N THR A 196 10.41 -27.48 13.45
CA THR A 196 10.80 -27.04 14.78
C THR A 196 9.74 -26.10 15.35
N HIS A 197 9.15 -26.49 16.47
CA HIS A 197 8.10 -25.72 17.09
C HIS A 197 8.17 -25.81 18.60
N GLN A 198 7.57 -24.84 19.29
CA GLN A 198 7.66 -24.78 20.74
C GLN A 198 7.05 -26.00 21.43
N GLY A 199 6.01 -26.56 20.81
CA GLY A 199 5.37 -27.75 21.36
C GLY A 199 6.13 -29.03 21.08
N LEU A 200 7.26 -28.92 20.38
CA LEU A 200 8.08 -30.09 20.08
C LEU A 200 9.34 -30.09 20.91
N SER A 201 9.56 -31.17 21.66
CA SER A 201 10.77 -31.29 22.46
C SER A 201 11.99 -31.47 21.55
N SER A 202 11.78 -32.09 20.39
CA SER A 202 12.84 -32.27 19.40
C SER A 202 12.27 -32.28 17.98
N PRO A 203 13.02 -31.71 17.03
CA PRO A 203 12.60 -31.53 15.64
C PRO A 203 12.02 -32.79 15.01
N VAL A 204 10.77 -32.71 14.55
CA VAL A 204 10.10 -33.82 13.91
C VAL A 204 10.39 -33.84 12.42
N THR A 205 10.66 -35.02 11.87
CA THR A 205 10.95 -35.14 10.45
C THR A 205 10.05 -36.14 9.74
N LYS A 206 9.25 -35.63 8.80
CA LYS A 206 8.46 -36.49 7.93
C LYS A 206 9.12 -36.52 6.57
N SER A 207 9.16 -37.70 5.95
CA SER A 207 9.83 -37.84 4.65
C SER A 207 9.24 -38.94 3.78
N PHE A 208 9.79 -39.08 2.58
CA PHE A 208 9.39 -40.14 1.66
C PHE A 208 10.44 -40.36 0.58
N ASN A 209 10.54 -41.60 0.09
CA ASN A 209 11.43 -41.92 -1.01
C ASN A 209 10.70 -41.83 -2.34
N ARG A 210 11.27 -41.08 -3.27
CA ARG A 210 10.66 -40.86 -4.58
C ARG A 210 10.23 -42.17 -5.23
N GLY A 211 8.91 -42.35 -5.38
CA GLY A 211 8.35 -43.54 -5.99
C GLY A 211 8.35 -44.74 -5.07
N GLN B 1 -34.69 -11.93 5.58
CA GLN B 1 -33.52 -11.13 5.93
C GLN B 1 -33.07 -10.25 4.76
N VAL B 2 -32.69 -9.03 5.07
CA VAL B 2 -32.11 -8.14 4.07
C VAL B 2 -30.79 -8.71 3.56
N THR B 3 -30.65 -8.82 2.25
CA THR B 3 -29.41 -9.29 1.66
C THR B 3 -28.89 -8.31 0.63
N LEU B 4 -27.60 -8.40 0.32
CA LEU B 4 -26.97 -7.53 -0.67
C LEU B 4 -25.88 -8.32 -1.38
N ARG B 5 -25.85 -8.23 -2.70
CA ARG B 5 -24.82 -8.91 -3.47
C ARG B 5 -24.18 -7.95 -4.45
N GLU B 6 -22.89 -7.69 -4.26
CA GLU B 6 -22.12 -6.87 -5.19
C GLU B 6 -21.73 -7.72 -6.40
N SER B 7 -21.54 -7.06 -7.54
CA SER B 7 -21.08 -7.75 -8.73
C SER B 7 -20.33 -6.79 -9.64
N GLY B 8 -19.36 -7.32 -10.38
CA GLY B 8 -18.56 -6.51 -11.27
C GLY B 8 -17.35 -7.30 -11.74
N PRO B 9 -16.50 -6.67 -12.55
CA PRO B 9 -15.29 -7.33 -13.05
C PRO B 9 -14.33 -7.67 -11.91
N ALA B 10 -13.64 -8.80 -12.03
CA ALA B 10 -12.62 -9.15 -11.07
C ALA B 10 -11.29 -8.53 -11.48
N LEU B 11 -11.12 -8.35 -12.79
CA LEU B 11 -9.89 -7.80 -13.34
C LEU B 11 -10.20 -6.57 -14.18
N VAL B 12 -9.36 -5.56 -14.06
CA VAL B 12 -9.53 -4.33 -14.85
C VAL B 12 -8.19 -3.63 -15.03
N LYS B 13 -7.89 -3.26 -16.27
CA LYS B 13 -6.62 -2.61 -16.59
C LYS B 13 -6.57 -1.22 -15.98
N PRO B 14 -5.35 -0.71 -15.75
CA PRO B 14 -5.20 0.66 -15.23
C PRO B 14 -5.88 1.67 -16.15
N THR B 15 -6.29 2.81 -15.58
CA THR B 15 -6.98 3.87 -16.32
C THR B 15 -8.41 3.52 -16.71
N GLN B 16 -8.72 2.22 -16.71
CA GLN B 16 -10.07 1.79 -17.06
C GLN B 16 -11.07 2.08 -15.95
N THR B 17 -12.35 2.05 -16.30
CA THR B 17 -13.42 2.35 -15.37
C THR B 17 -13.99 1.09 -14.72
N LEU B 18 -14.22 1.16 -13.41
CA LEU B 18 -14.85 0.08 -12.68
C LEU B 18 -16.33 0.34 -12.55
N THR B 19 -17.15 -0.67 -12.84
CA THR B 19 -18.59 -0.52 -12.71
C THR B 19 -19.15 -1.62 -11.81
N LEU B 20 -19.52 -1.23 -10.59
CA LEU B 20 -20.03 -2.16 -9.60
C LEU B 20 -21.55 -2.06 -9.48
N THR B 21 -22.18 -3.20 -9.19
CA THR B 21 -23.62 -3.27 -9.04
C THR B 21 -24.00 -3.96 -7.75
N CYS B 22 -24.92 -3.34 -7.01
CA CYS B 22 -25.39 -3.89 -5.75
C CYS B 22 -26.85 -4.29 -5.89
N THR B 23 -27.11 -5.60 -5.92
CA THR B 23 -28.48 -6.08 -5.99
C THR B 23 -28.93 -6.55 -4.61
N PHE B 24 -30.06 -6.02 -4.14
CA PHE B 24 -30.51 -6.35 -2.79
C PHE B 24 -31.94 -6.83 -2.73
N SER B 25 -32.34 -7.30 -1.55
CA SER B 25 -33.70 -7.74 -1.30
C SER B 25 -34.00 -7.61 0.19
N GLY B 26 -35.27 -7.74 0.56
CA GLY B 26 -35.65 -7.64 1.95
C GLY B 26 -36.14 -6.25 2.29
N PHE B 27 -35.72 -5.27 1.50
CA PHE B 27 -36.17 -3.90 1.67
C PHE B 27 -36.18 -3.17 0.34
N SER B 28 -36.88 -2.03 0.29
CA SER B 28 -36.90 -1.20 -0.91
C SER B 28 -36.18 0.12 -0.68
N LEU B 29 -35.46 0.58 -1.69
CA LEU B 29 -34.70 1.82 -1.60
C LEU B 29 -35.63 3.03 -1.73
N SER B 30 -36.82 2.80 -2.29
CA SER B 30 -37.78 3.88 -2.46
C SER B 30 -38.48 4.22 -1.14
N THR B 31 -38.27 3.36 -0.15
CA THR B 31 -38.82 3.59 1.18
C THR B 31 -38.09 4.73 1.87
N ALA B 32 -38.83 5.62 2.51
CA ALA B 32 -38.24 6.77 3.18
C ALA B 32 -37.29 6.33 4.27
N GLY B 33 -36.12 6.96 4.32
CA GLY B 33 -35.14 6.67 5.34
C GLY B 33 -34.08 5.68 4.91
N MET B 34 -34.32 5.03 3.78
CA MET B 34 -33.43 3.96 3.32
C MET B 34 -32.28 4.49 2.47
N SER B 35 -31.11 3.87 2.62
CA SER B 35 -29.91 4.29 1.92
C SER B 35 -29.00 3.11 1.60
N VAL B 36 -28.16 3.27 0.58
CA VAL B 36 -27.15 2.28 0.27
C VAL B 36 -25.80 2.95 0.13
N GLY B 37 -24.78 2.35 0.74
CA GLY B 37 -23.44 2.90 0.70
C GLY B 37 -22.44 1.89 0.19
N TRP B 38 -21.34 2.39 -0.37
CA TRP B 38 -20.27 1.52 -0.85
C TRP B 38 -19.01 1.71 -0.02
N ILE B 39 -18.32 0.61 0.23
CA ILE B 39 -17.17 0.60 1.11
C ILE B 39 -16.18 -0.42 0.56
N ARG B 40 -14.90 -0.06 0.57
CA ARG B 40 -13.89 -0.96 0.01
C ARG B 40 -12.78 -1.20 1.01
N GLN B 41 -12.06 -2.30 0.81
CA GLN B 41 -10.93 -2.64 1.66
C GLN B 41 -9.72 -3.07 0.84
N PRO B 42 -8.71 -2.21 0.76
CA PRO B 42 -7.46 -2.55 0.08
C PRO B 42 -6.74 -3.64 0.85
N PRO B 43 -5.87 -4.40 0.16
CA PRO B 43 -5.13 -5.47 0.83
C PRO B 43 -4.40 -4.96 2.07
N GLY B 44 -4.57 -5.65 3.18
CA GLY B 44 -3.91 -5.29 4.43
C GLY B 44 -4.09 -3.85 4.86
N LYS B 45 -5.28 -3.30 4.61
CA LYS B 45 -5.60 -1.94 5.02
C LYS B 45 -6.99 -1.87 5.66
N ALA B 46 -7.27 -0.77 6.35
CA ALA B 46 -8.55 -0.59 7.02
C ALA B 46 -9.66 -0.34 6.01
N LEU B 47 -10.89 -0.23 6.51
CA LEU B 47 -12.05 0.02 5.67
C LEU B 47 -12.15 1.49 5.29
N GLU B 48 -12.50 1.74 4.04
CA GLU B 48 -12.66 3.10 3.53
C GLU B 48 -14.03 3.30 2.91
N TRP B 49 -14.77 4.28 3.41
CA TRP B 49 -16.06 4.61 2.82
C TRP B 49 -15.85 5.35 1.50
N LEU B 50 -16.74 5.11 0.56
CA LEU B 50 -16.58 5.62 -0.80
C LEU B 50 -17.71 6.56 -1.22
N ALA B 51 -18.95 6.13 -0.95
CA ALA B 51 -20.10 6.85 -1.48
C ALA B 51 -21.40 6.30 -0.89
N ASP B 52 -22.47 7.07 -1.00
CA ASP B 52 -23.80 6.55 -0.70
C ASP B 52 -24.90 7.30 -1.44
N ILE B 53 -26.13 6.86 -1.27
CA ILE B 53 -27.26 7.41 -1.98
C ILE B 53 -28.54 7.15 -1.17
N TRP B 54 -29.52 8.02 -1.30
CA TRP B 54 -30.74 7.89 -0.49
C TRP B 54 -31.98 7.79 -1.35
N TRP B 55 -33.12 7.58 -0.69
CA TRP B 55 -34.37 7.37 -1.40
C TRP B 55 -34.79 8.62 -2.15
N ASP B 56 -34.33 9.78 -1.69
CA ASP B 56 -34.64 11.05 -2.34
C ASP B 56 -33.56 11.45 -3.34
N ASP B 57 -32.69 10.49 -3.67
CA ASP B 57 -31.65 10.65 -4.68
C ASP B 57 -30.48 11.53 -4.24
N LYS B 58 -30.42 11.84 -2.94
CA LYS B 58 -29.26 12.53 -2.39
C LYS B 58 -28.02 11.63 -2.42
N LYS B 59 -26.89 12.19 -2.84
CA LYS B 59 -25.66 11.42 -3.00
C LYS B 59 -24.49 12.05 -2.24
N HIS B 60 -23.60 11.21 -1.74
CA HIS B 60 -22.37 11.67 -1.08
C HIS B 60 -21.16 10.89 -1.57
N TYR B 61 -20.01 11.53 -1.60
CA TYR B 61 -18.78 10.89 -2.06
C TYR B 61 -17.60 11.23 -1.17
N ASN B 62 -16.65 10.31 -1.08
CA ASN B 62 -15.42 10.52 -0.32
C ASN B 62 -14.43 11.36 -1.11
N PRO B 63 -14.13 12.57 -0.63
CA PRO B 63 -13.24 13.54 -1.28
C PRO B 63 -11.91 12.94 -1.74
N SER B 64 -11.42 11.93 -1.03
CA SER B 64 -10.18 11.26 -1.40
C SER B 64 -10.27 10.69 -2.81
N LEU B 65 -11.39 10.05 -3.12
CA LEU B 65 -11.58 9.42 -4.41
C LEU B 65 -12.44 10.29 -5.33
N LYS B 66 -12.19 11.58 -5.30
CA LYS B 66 -12.95 12.52 -6.11
C LYS B 66 -11.99 13.18 -7.09
N ASP B 67 -12.46 13.52 -8.28
CA ASP B 67 -13.85 13.28 -8.68
C ASP B 67 -13.97 12.08 -9.61
N ARG B 68 -13.73 10.90 -9.06
CA ARG B 68 -13.68 9.67 -9.86
C ARG B 68 -14.91 8.80 -9.63
N LEU B 69 -15.80 9.27 -8.76
CA LEU B 69 -16.93 8.45 -8.33
C LEU B 69 -18.26 8.91 -8.91
N THR B 70 -19.08 7.95 -9.31
CA THR B 70 -20.42 8.22 -9.79
C THR B 70 -21.37 7.16 -9.26
N ILE B 71 -22.34 7.59 -8.45
CA ILE B 71 -23.30 6.66 -7.87
C ILE B 71 -24.72 6.95 -8.35
N SER B 72 -25.46 5.89 -8.69
CA SER B 72 -26.84 6.03 -9.15
C SER B 72 -27.67 4.83 -8.70
N LYS B 73 -28.99 4.95 -8.79
CA LYS B 73 -29.87 3.88 -8.34
C LYS B 73 -30.97 3.57 -9.36
N ASP B 74 -31.58 2.41 -9.21
CA ASP B 74 -32.74 2.02 -10.00
C ASP B 74 -33.67 1.17 -9.15
N THR B 75 -34.59 1.83 -8.47
CA THR B 75 -35.49 1.16 -7.52
C THR B 75 -36.32 0.07 -8.19
N SER B 76 -36.51 0.18 -9.50
CA SER B 76 -37.26 -0.81 -10.25
C SER B 76 -36.61 -2.19 -10.12
N LYS B 77 -35.28 -2.23 -10.27
CA LYS B 77 -34.54 -3.47 -10.25
C LYS B 77 -33.88 -3.73 -8.91
N ASN B 78 -34.19 -2.89 -7.91
CA ASN B 78 -33.57 -2.99 -6.60
C ASN B 78 -32.05 -3.00 -6.64
N GLN B 79 -31.46 -2.08 -7.41
CA GLN B 79 -30.01 -2.05 -7.48
C GLN B 79 -29.37 -0.66 -7.55
N VAL B 80 -28.14 -0.59 -7.07
CA VAL B 80 -27.35 0.63 -7.08
C VAL B 80 -26.04 0.36 -7.80
N VAL B 81 -25.57 1.34 -8.56
CA VAL B 81 -24.34 1.17 -9.31
C VAL B 81 -23.31 2.25 -8.95
N LEU B 82 -22.07 1.81 -8.77
CA LEU B 82 -20.97 2.72 -8.49
C LEU B 82 -19.92 2.62 -9.59
N LYS B 83 -19.51 3.77 -10.13
CA LYS B 83 -18.48 3.81 -11.16
C LYS B 83 -17.23 4.48 -10.61
N VAL B 84 -16.07 3.87 -10.86
CA VAL B 84 -14.80 4.48 -10.49
C VAL B 84 -13.94 4.64 -11.74
N THR B 85 -13.61 5.89 -12.08
CA THR B 85 -12.84 6.14 -13.28
C THR B 85 -11.34 6.11 -13.00
N ASN B 86 -10.56 5.97 -14.06
CA ASN B 86 -9.11 5.99 -13.96
C ASN B 86 -8.57 5.10 -12.85
N MET B 87 -8.81 3.79 -12.96
CA MET B 87 -8.40 2.86 -11.91
C MET B 87 -6.88 2.71 -11.82
N ASP B 88 -6.41 2.52 -10.59
CA ASP B 88 -4.98 2.40 -10.31
C ASP B 88 -4.76 1.12 -9.52
N PRO B 89 -3.57 0.50 -9.65
CA PRO B 89 -3.25 -0.69 -8.88
C PRO B 89 -3.57 -0.53 -7.40
N ALA B 90 -3.46 0.70 -6.90
CA ALA B 90 -3.77 0.98 -5.50
C ALA B 90 -5.27 0.94 -5.24
N ASP B 91 -6.06 0.93 -6.31
CA ASP B 91 -7.50 0.79 -6.20
C ASP B 91 -7.91 -0.68 -6.04
N THR B 92 -6.94 -1.57 -6.20
CA THR B 92 -7.15 -2.99 -5.99
C THR B 92 -7.68 -3.23 -4.58
N ALA B 93 -8.83 -3.88 -4.48
CA ALA B 93 -9.47 -4.08 -3.17
C ALA B 93 -10.75 -4.92 -3.26
N THR B 94 -11.33 -5.20 -2.09
CA THR B 94 -12.62 -5.86 -2.00
C THR B 94 -13.70 -4.81 -1.76
N TYR B 95 -14.73 -4.80 -2.59
CA TYR B 95 -15.76 -3.77 -2.52
C TYR B 95 -17.06 -4.28 -1.93
N TYR B 96 -17.61 -3.53 -0.98
CA TYR B 96 -18.83 -3.93 -0.29
C TYR B 96 -19.93 -2.92 -0.52
N CYS B 97 -21.18 -3.40 -0.54
CA CYS B 97 -22.32 -2.51 -0.44
C CYS B 97 -23.00 -2.79 0.89
N ALA B 98 -23.78 -1.84 1.38
CA ALA B 98 -24.40 -1.98 2.69
C ALA B 98 -25.59 -1.04 2.85
N ARG B 99 -26.60 -1.51 3.56
CA ARG B 99 -27.79 -0.72 3.81
C ARG B 99 -27.54 0.29 4.92
N ASP B 100 -28.31 1.37 4.91
CA ASP B 100 -28.19 2.43 5.89
C ASP B 100 -29.56 3.06 6.09
N MET B 101 -29.78 3.65 7.26
CA MET B 101 -31.01 4.39 7.52
C MET B 101 -30.69 5.70 8.21
N ILE B 102 -31.57 6.67 8.04
CA ILE B 102 -31.40 7.97 8.67
C ILE B 102 -31.77 7.92 10.15
N PHE B 103 -32.45 6.87 10.56
CA PHE B 103 -32.72 6.63 11.96
C PHE B 103 -31.40 6.27 12.64
N ASN B 104 -30.46 5.77 11.86
CA ASN B 104 -29.20 5.27 12.38
C ASN B 104 -28.14 5.28 11.29
N PHE B 105 -27.26 6.28 11.33
CA PHE B 105 -26.26 6.48 10.28
C PHE B 105 -25.10 5.49 10.41
N TYR B 106 -25.40 4.21 10.27
CA TYR B 106 -24.39 3.16 10.23
C TYR B 106 -24.87 2.05 9.32
N PHE B 107 -23.96 1.17 8.93
CA PHE B 107 -24.27 0.10 8.01
C PHE B 107 -24.63 -1.18 8.75
N ASP B 108 -25.93 -1.45 8.87
CA ASP B 108 -26.41 -2.59 9.64
C ASP B 108 -26.32 -3.92 8.90
N VAL B 109 -26.49 -3.87 7.57
CA VAL B 109 -26.40 -5.07 6.75
C VAL B 109 -25.44 -4.88 5.58
N TRP B 110 -24.56 -5.86 5.38
CA TRP B 110 -23.51 -5.77 4.36
C TRP B 110 -23.64 -6.89 3.35
N GLY B 111 -23.14 -6.63 2.14
CA GLY B 111 -23.00 -7.68 1.15
C GLY B 111 -21.75 -8.48 1.48
N GLN B 112 -21.51 -9.55 0.72
CA GLN B 112 -20.35 -10.40 0.98
C GLN B 112 -19.09 -9.82 0.36
N GLY B 113 -19.26 -8.85 -0.52
CA GLY B 113 -18.13 -8.19 -1.17
C GLY B 113 -17.71 -8.88 -2.44
N THR B 114 -17.10 -8.12 -3.33
CA THR B 114 -16.53 -8.66 -4.57
C THR B 114 -15.14 -8.07 -4.74
N THR B 115 -14.21 -8.87 -5.26
CA THR B 115 -12.81 -8.48 -5.30
C THR B 115 -12.40 -7.94 -6.66
N VAL B 116 -11.69 -6.81 -6.64
CA VAL B 116 -11.27 -6.14 -7.87
C VAL B 116 -9.77 -5.92 -7.88
N THR B 117 -9.11 -6.42 -8.92
CA THR B 117 -7.67 -6.27 -9.06
C THR B 117 -7.37 -5.40 -10.27
N VAL B 118 -6.51 -4.40 -10.08
CA VAL B 118 -6.10 -3.54 -11.18
C VAL B 118 -4.70 -3.91 -11.65
N SER B 119 -4.62 -4.48 -12.84
CA SER B 119 -3.35 -5.00 -13.33
C SER B 119 -3.38 -5.08 -14.85
N SER B 120 -2.21 -4.98 -15.47
CA SER B 120 -2.10 -5.11 -16.91
C SER B 120 -1.99 -6.58 -17.29
N ALA B 121 -1.68 -7.42 -16.31
CA ALA B 121 -1.62 -8.86 -16.53
C ALA B 121 -2.99 -9.40 -16.95
N SER B 122 -2.98 -10.53 -17.65
CA SER B 122 -4.22 -11.13 -18.12
C SER B 122 -4.66 -12.28 -17.21
N THR B 123 -5.93 -12.64 -17.33
CA THR B 123 -6.50 -13.71 -16.53
C THR B 123 -5.92 -15.06 -16.94
N LYS B 124 -5.76 -15.94 -15.96
CA LYS B 124 -5.36 -17.32 -16.22
C LYS B 124 -6.05 -18.27 -15.26
N GLY B 125 -6.59 -19.36 -15.78
CA GLY B 125 -7.25 -20.35 -14.96
C GLY B 125 -6.25 -21.16 -14.16
N PRO B 126 -6.67 -21.67 -12.99
CA PRO B 126 -5.82 -22.49 -12.13
C PRO B 126 -5.73 -23.92 -12.63
N SER B 127 -4.69 -24.61 -12.17
CA SER B 127 -4.61 -26.06 -12.33
C SER B 127 -4.88 -26.67 -10.96
N VAL B 128 -5.72 -27.69 -10.92
CA VAL B 128 -6.09 -28.31 -9.65
C VAL B 128 -5.53 -29.72 -9.53
N PHE B 129 -4.55 -29.90 -8.65
CA PHE B 129 -3.94 -31.19 -8.44
C PHE B 129 -4.36 -31.79 -7.10
N PRO B 130 -4.40 -33.13 -7.02
CA PRO B 130 -4.78 -33.82 -5.79
C PRO B 130 -3.62 -33.94 -4.83
N LEU B 131 -3.88 -33.70 -3.55
CA LEU B 131 -2.94 -34.06 -2.51
C LEU B 131 -3.48 -35.31 -1.87
N ALA B 132 -2.94 -36.46 -2.28
CA ALA B 132 -3.47 -37.75 -1.88
C ALA B 132 -3.01 -38.17 -0.49
N PRO B 133 -3.90 -38.79 0.28
CA PRO B 133 -3.64 -39.26 1.64
C PRO B 133 -2.78 -40.52 1.65
N SER B 134 -2.04 -40.73 2.74
CA SER B 134 -1.24 -41.95 2.89
C SER B 134 -0.69 -42.09 4.32
N THR B 142 -5.91 -40.18 12.39
CA THR B 142 -6.36 -39.11 11.53
C THR B 142 -5.47 -38.94 10.31
N ALA B 143 -6.09 -38.79 9.14
CA ALA B 143 -5.37 -38.66 7.88
C ALA B 143 -5.72 -37.36 7.16
N ALA B 144 -4.72 -36.74 6.54
CA ALA B 144 -4.93 -35.48 5.85
C ALA B 144 -4.89 -35.65 4.34
N LEU B 145 -5.65 -34.80 3.63
CA LEU B 145 -5.67 -34.80 2.18
C LEU B 145 -6.19 -33.44 1.71
N GLY B 146 -6.01 -33.14 0.43
CA GLY B 146 -6.45 -31.85 -0.09
C GLY B 146 -6.17 -31.63 -1.56
N CYS B 147 -6.33 -30.40 -2.01
CA CYS B 147 -6.12 -30.05 -3.42
C CYS B 147 -5.14 -28.88 -3.55
N LEU B 148 -4.26 -28.98 -4.54
CA LEU B 148 -3.33 -27.90 -4.86
C LEU B 148 -3.83 -27.07 -6.04
N VAL B 149 -4.25 -25.84 -5.76
CA VAL B 149 -4.73 -24.93 -6.78
C VAL B 149 -3.62 -24.00 -7.26
N LYS B 150 -3.01 -24.33 -8.39
CA LYS B 150 -1.78 -23.68 -8.80
C LYS B 150 -1.88 -22.83 -10.06
N ASP B 151 -1.11 -21.73 -10.07
CA ASP B 151 -0.93 -20.90 -11.26
C ASP B 151 -2.22 -20.25 -11.77
N TYR B 152 -2.74 -19.29 -11.03
CA TYR B 152 -3.92 -18.55 -11.48
C TYR B 152 -3.79 -17.05 -11.25
N PHE B 153 -4.60 -16.28 -11.97
CA PHE B 153 -4.63 -14.84 -11.82
C PHE B 153 -5.96 -14.30 -12.33
N PRO B 154 -6.57 -13.38 -11.57
CA PRO B 154 -6.06 -12.91 -10.28
C PRO B 154 -6.78 -13.61 -9.14
N GLU B 155 -6.78 -12.97 -7.98
CA GLU B 155 -7.60 -13.40 -6.87
C GLU B 155 -9.04 -13.03 -7.21
N PRO B 156 -10.01 -13.70 -6.56
CA PRO B 156 -9.75 -14.81 -5.66
C PRO B 156 -10.31 -16.11 -6.20
N VAL B 157 -10.10 -17.19 -5.46
CA VAL B 157 -10.70 -18.48 -5.76
C VAL B 157 -11.27 -19.08 -4.49
N THR B 158 -12.46 -19.64 -4.58
CA THR B 158 -13.08 -20.28 -3.43
C THR B 158 -12.93 -21.79 -3.55
N VAL B 159 -12.69 -22.45 -2.42
CA VAL B 159 -12.63 -23.90 -2.39
C VAL B 159 -13.66 -24.44 -1.42
N SER B 160 -14.28 -25.55 -1.79
CA SER B 160 -15.23 -26.21 -0.91
C SER B 160 -15.07 -27.71 -1.07
N TRP B 161 -15.71 -28.47 -0.19
CA TRP B 161 -15.59 -29.91 -0.21
C TRP B 161 -16.96 -30.58 -0.17
N ASN B 162 -17.15 -31.59 -1.00
CA ASN B 162 -18.44 -32.24 -1.12
C ASN B 162 -19.57 -31.23 -1.24
N SER B 163 -19.29 -30.13 -1.94
CA SER B 163 -20.28 -29.09 -2.21
C SER B 163 -20.61 -28.26 -0.96
N GLY B 164 -19.76 -28.37 0.07
CA GLY B 164 -19.98 -27.61 1.29
C GLY B 164 -20.54 -28.47 2.41
N ALA B 165 -20.66 -29.76 2.15
CA ALA B 165 -21.11 -30.71 3.15
C ALA B 165 -20.01 -30.96 4.18
N LEU B 166 -18.76 -31.00 3.70
CA LEU B 166 -17.62 -31.18 4.57
C LEU B 166 -16.98 -29.83 4.89
N THR B 167 -17.11 -29.39 6.13
CA THR B 167 -16.62 -28.06 6.51
C THR B 167 -15.66 -28.06 7.70
N SER B 168 -15.77 -29.06 8.57
CA SER B 168 -14.91 -29.13 9.75
C SER B 168 -13.58 -29.80 9.43
N GLY B 169 -12.52 -29.34 10.09
CA GLY B 169 -11.19 -29.85 9.83
C GLY B 169 -10.59 -29.26 8.56
N VAL B 170 -11.42 -28.53 7.82
CA VAL B 170 -11.00 -27.95 6.55
C VAL B 170 -10.21 -26.67 6.74
N HIS B 171 -8.99 -26.65 6.20
CA HIS B 171 -8.16 -25.47 6.22
C HIS B 171 -7.85 -25.03 4.80
N THR B 172 -8.23 -23.81 4.46
CA THR B 172 -7.90 -23.25 3.15
C THR B 172 -6.90 -22.12 3.32
N PHE B 173 -5.71 -22.32 2.75
CA PHE B 173 -4.61 -21.39 2.97
C PHE B 173 -4.68 -20.15 2.10
N PRO B 174 -4.33 -19.00 2.68
CA PRO B 174 -4.15 -17.75 1.94
C PRO B 174 -3.27 -17.99 0.72
N ALA B 175 -3.69 -17.55 -0.46
CA ALA B 175 -2.91 -17.76 -1.65
C ALA B 175 -1.56 -17.09 -1.53
N VAL B 176 -0.54 -17.70 -2.11
CA VAL B 176 0.80 -17.12 -2.12
C VAL B 176 1.17 -16.71 -3.54
N LEU B 177 1.95 -15.64 -3.67
CA LEU B 177 2.35 -15.14 -4.98
C LEU B 177 3.69 -15.72 -5.39
N GLN B 178 3.67 -16.59 -6.40
CA GLN B 178 4.90 -17.21 -6.91
C GLN B 178 5.73 -16.21 -7.72
N SER B 179 6.98 -16.57 -8.01
CA SER B 179 7.87 -15.67 -8.73
C SER B 179 7.42 -15.42 -10.17
N SER B 180 6.49 -16.25 -10.64
CA SER B 180 5.95 -16.11 -11.99
C SER B 180 4.99 -14.94 -12.08
N GLY B 181 4.50 -14.49 -10.94
CA GLY B 181 3.48 -13.46 -10.90
C GLY B 181 2.09 -14.06 -10.74
N LEU B 182 2.03 -15.38 -10.72
CA LEU B 182 0.76 -16.09 -10.56
C LEU B 182 0.55 -16.54 -9.13
N TYR B 183 -0.70 -16.58 -8.70
CA TYR B 183 -1.04 -17.06 -7.36
C TYR B 183 -1.18 -18.56 -7.32
N SER B 184 -1.02 -19.11 -6.12
CA SER B 184 -1.16 -20.53 -5.88
C SER B 184 -1.61 -20.73 -4.44
N LEU B 185 -2.43 -21.74 -4.19
CA LEU B 185 -2.90 -22.01 -2.84
C LEU B 185 -3.32 -23.45 -2.64
N SER B 186 -3.45 -23.85 -1.38
CA SER B 186 -3.84 -25.21 -1.05
C SER B 186 -5.03 -25.22 -0.11
N SER B 187 -5.85 -26.25 -0.24
CA SER B 187 -6.92 -26.48 0.71
C SER B 187 -6.83 -27.93 1.18
N VAL B 188 -6.81 -28.12 2.50
CA VAL B 188 -6.70 -29.46 3.06
C VAL B 188 -7.83 -29.74 4.02
N VAL B 189 -8.02 -31.02 4.32
CA VAL B 189 -9.02 -31.43 5.29
C VAL B 189 -8.54 -32.68 5.99
N THR B 190 -8.71 -32.73 7.30
CA THR B 190 -8.36 -33.91 8.06
C THR B 190 -9.62 -34.75 8.29
N VAL B 191 -9.51 -36.05 8.03
CA VAL B 191 -10.65 -36.95 8.13
C VAL B 191 -10.24 -38.27 8.79
N PRO B 192 -11.22 -39.00 9.31
CA PRO B 192 -10.94 -40.32 9.93
C PRO B 192 -10.18 -41.22 8.97
N SER B 193 -9.08 -41.79 9.44
CA SER B 193 -8.27 -42.67 8.61
C SER B 193 -9.09 -43.82 8.03
N SER B 194 -10.19 -44.15 8.69
CA SER B 194 -11.01 -45.30 8.29
C SER B 194 -12.01 -45.00 7.18
N SER B 195 -12.43 -43.75 7.08
CA SER B 195 -13.43 -43.37 6.07
C SER B 195 -12.81 -43.24 4.69
N LEU B 196 -11.50 -43.47 4.60
CA LEU B 196 -10.82 -43.47 3.31
C LEU B 196 -11.29 -44.65 2.47
N GLY B 197 -11.23 -44.48 1.15
CA GLY B 197 -11.58 -45.55 0.23
C GLY B 197 -13.06 -45.89 0.19
N THR B 198 -13.76 -45.60 1.28
CA THR B 198 -15.19 -45.83 1.35
C THR B 198 -15.95 -44.51 1.18
N GLN B 199 -15.54 -43.51 1.94
CA GLN B 199 -16.09 -42.17 1.79
C GLN B 199 -15.38 -41.43 0.66
N THR B 200 -16.16 -40.79 -0.20
CA THR B 200 -15.60 -40.07 -1.33
C THR B 200 -15.40 -38.59 -1.01
N TYR B 201 -14.25 -38.05 -1.37
CA TYR B 201 -13.94 -36.65 -1.11
C TYR B 201 -13.66 -35.89 -2.40
N ILE B 202 -14.43 -34.83 -2.65
CA ILE B 202 -14.29 -34.04 -3.85
C ILE B 202 -14.09 -32.56 -3.53
N CYS B 203 -12.97 -32.00 -3.96
CA CYS B 203 -12.73 -30.58 -3.76
C CYS B 203 -13.35 -29.76 -4.88
N ASN B 204 -14.07 -28.72 -4.51
CA ASN B 204 -14.82 -27.90 -5.44
C ASN B 204 -14.16 -26.54 -5.62
N VAL B 205 -13.36 -26.41 -6.66
CA VAL B 205 -12.65 -25.16 -6.95
C VAL B 205 -13.45 -24.22 -7.85
N ASN B 206 -13.45 -22.95 -7.50
CA ASN B 206 -14.16 -21.95 -8.28
C ASN B 206 -13.32 -20.70 -8.52
N HIS B 207 -13.12 -20.36 -9.80
CA HIS B 207 -12.37 -19.17 -10.19
C HIS B 207 -13.21 -18.32 -11.13
N LYS B 208 -14.15 -17.57 -10.57
CA LYS B 208 -15.05 -16.74 -11.37
C LYS B 208 -14.33 -15.83 -12.37
N PRO B 209 -13.23 -15.18 -11.94
CA PRO B 209 -12.47 -14.30 -12.84
C PRO B 209 -12.16 -14.92 -14.19
N SER B 210 -12.08 -16.25 -14.26
CA SER B 210 -11.85 -16.95 -15.51
C SER B 210 -13.01 -17.89 -15.82
N ASN B 211 -14.11 -17.72 -15.10
CA ASN B 211 -15.28 -18.57 -15.24
C ASN B 211 -14.89 -20.04 -15.26
N THR B 212 -14.01 -20.41 -14.34
CA THR B 212 -13.50 -21.77 -14.26
C THR B 212 -14.05 -22.49 -13.03
N LYS B 213 -14.63 -23.67 -13.24
CA LYS B 213 -15.14 -24.49 -12.15
C LYS B 213 -14.60 -25.91 -12.28
N VAL B 214 -13.92 -26.39 -11.24
CA VAL B 214 -13.35 -27.72 -11.26
C VAL B 214 -13.74 -28.52 -10.01
N ASP B 215 -14.12 -29.78 -10.21
CA ASP B 215 -14.41 -30.67 -9.10
C ASP B 215 -13.51 -31.89 -9.21
N LYS B 216 -12.52 -31.96 -8.33
CA LYS B 216 -11.55 -33.03 -8.37
C LYS B 216 -11.77 -34.03 -7.26
N LYS B 217 -11.74 -35.31 -7.62
CA LYS B 217 -11.88 -36.38 -6.65
C LYS B 217 -10.51 -36.73 -6.06
N VAL B 218 -10.37 -36.57 -4.75
CA VAL B 218 -9.13 -36.94 -4.08
C VAL B 218 -9.24 -38.36 -3.53
N GLU B 219 -8.24 -39.18 -3.81
CA GLU B 219 -8.22 -40.56 -3.34
C GLU B 219 -6.81 -41.10 -3.15
N PRO B 220 -6.64 -42.01 -2.17
CA PRO B 220 -5.36 -42.66 -1.86
C PRO B 220 -4.67 -43.22 -3.10
C ACE C 1 -43.00 8.34 9.91
O ACE C 1 -42.51 9.40 10.36
CH3 ACE C 1 -42.88 7.05 10.69
N ASN C 2 -43.61 8.25 8.74
CA ASN C 2 -43.84 9.37 7.83
C ASN C 2 -42.77 9.63 6.78
N SER C 3 -43.07 9.21 5.57
CA SER C 3 -42.18 9.38 4.42
C SER C 3 -41.88 10.84 4.15
N GLU C 4 -42.89 11.69 4.35
CA GLU C 4 -42.75 13.11 4.07
C GLU C 4 -42.02 13.84 5.20
N LEU C 5 -42.31 13.46 6.43
CA LEU C 5 -41.64 14.05 7.59
C LEU C 5 -40.14 13.78 7.52
N LEU C 6 -39.79 12.59 7.04
CA LEU C 6 -38.40 12.19 6.89
C LEU C 6 -37.71 12.95 5.74
N SER C 7 -38.37 12.99 4.59
CA SER C 7 -37.80 13.65 3.43
C SER C 7 -37.59 15.14 3.71
N LEU C 8 -38.32 15.66 4.70
CA LEU C 8 -38.16 17.04 5.12
C LEU C 8 -36.91 17.18 5.98
N ILE C 9 -36.78 16.29 6.96
CA ILE C 9 -35.64 16.29 7.86
C ILE C 9 -34.34 16.12 7.07
N ASN C 10 -34.40 15.27 6.04
CA ASN C 10 -33.23 15.03 5.19
C ASN C 10 -32.86 16.26 4.37
N ASP C 11 -33.87 16.96 3.86
CA ASP C 11 -33.67 18.15 3.04
C ASP C 11 -33.03 19.30 3.83
N MET C 12 -33.25 19.31 5.15
CA MET C 12 -32.72 20.37 6.01
C MET C 12 -31.19 20.38 6.04
N PRO C 13 -30.59 21.54 6.35
CA PRO C 13 -29.14 21.69 6.41
C PRO C 13 -28.67 21.50 7.83
N ILE C 14 -28.55 20.26 8.27
CA ILE C 14 -28.10 19.99 9.63
C ILE C 14 -27.14 18.81 9.68
N THR C 15 -26.44 18.67 10.80
CA THR C 15 -25.53 17.55 11.00
C THR C 15 -26.32 16.24 10.94
N ASN C 16 -25.64 15.18 10.51
CA ASN C 16 -26.25 13.86 10.48
C ASN C 16 -26.83 13.46 11.83
N ASP C 17 -26.17 13.86 12.91
CA ASP C 17 -26.65 13.57 14.26
C ASP C 17 -28.01 14.22 14.50
N GLN C 18 -28.19 15.44 14.01
CA GLN C 18 -29.45 16.15 14.20
C GLN C 18 -30.58 15.50 13.41
N LYS C 19 -30.28 15.06 12.19
CA LYS C 19 -31.26 14.35 11.38
C LYS C 19 -31.66 13.05 12.06
N LYS C 20 -30.65 12.30 12.46
CA LYS C 20 -30.82 11.04 13.17
C LYS C 20 -31.60 11.25 14.47
N LEU C 21 -31.23 12.30 15.19
CA LEU C 21 -31.91 12.66 16.43
C LEU C 21 -33.39 12.91 16.16
N MET C 22 -33.69 13.68 15.11
CA MET C 22 -35.05 14.05 14.80
C MET C 22 -35.87 12.92 14.17
N SER C 23 -35.20 11.98 13.51
CA SER C 23 -35.93 10.90 12.83
C SER C 23 -36.27 9.75 13.78
N ASN C 24 -35.40 9.49 14.75
CA ASN C 24 -35.65 8.49 15.78
C ASN C 24 -36.70 8.94 16.78
N ASN C 25 -36.40 10.06 17.42
CA ASN C 25 -37.15 10.59 18.57
C ASN C 25 -38.52 10.04 18.96
N NH2 C 26 -39.36 9.79 17.96
N ASP D 1 7.12 -0.99 21.35
CA ASP D 1 7.90 0.00 20.61
C ASP D 1 7.27 1.40 20.72
N ILE D 2 7.91 2.38 20.09
CA ILE D 2 7.48 3.78 20.20
C ILE D 2 6.92 4.33 18.89
N GLN D 3 5.64 4.66 18.89
CA GLN D 3 5.00 5.23 17.70
C GLN D 3 4.90 6.75 17.80
N MET D 4 4.75 7.40 16.65
CA MET D 4 4.72 8.85 16.59
C MET D 4 3.49 9.35 15.82
N THR D 5 2.69 10.18 16.46
CA THR D 5 1.54 10.76 15.80
C THR D 5 1.80 12.22 15.48
N GLN D 6 1.72 12.56 14.20
CA GLN D 6 2.08 13.89 13.75
C GLN D 6 0.88 14.65 13.23
N SER D 7 0.75 15.91 13.61
CA SER D 7 -0.34 16.75 13.11
C SER D 7 0.09 18.20 12.95
N PRO D 8 -0.50 18.90 11.97
CA PRO D 8 -1.50 18.33 11.04
C PRO D 8 -0.81 17.43 10.03
N SER D 9 -1.57 16.58 9.35
CA SER D 9 -0.99 15.73 8.31
C SER D 9 -0.72 16.56 7.07
N THR D 10 -1.52 17.61 6.88
CA THR D 10 -1.34 18.50 5.73
C THR D 10 -1.46 19.94 6.19
N LEU D 11 -1.00 20.86 5.35
CA LEU D 11 -0.92 22.26 5.74
C LEU D 11 -0.73 23.16 4.55
N SER D 12 -1.38 24.33 4.58
CA SER D 12 -1.20 25.34 3.56
C SER D 12 -1.11 26.70 4.23
N ALA D 13 -0.04 27.44 3.94
CA ALA D 13 0.16 28.75 4.57
C ALA D 13 0.85 29.73 3.64
N SER D 14 0.57 31.01 3.84
CA SER D 14 1.15 32.07 3.02
C SER D 14 2.56 32.40 3.48
N VAL D 15 3.40 32.82 2.54
CA VAL D 15 4.74 33.29 2.86
C VAL D 15 4.68 34.34 3.95
N GLY D 16 5.38 34.10 5.06
CA GLY D 16 5.37 35.02 6.18
C GLY D 16 4.62 34.49 7.38
N ASP D 17 3.75 33.50 7.16
CA ASP D 17 2.94 32.93 8.23
C ASP D 17 3.82 32.16 9.21
N ARG D 18 3.41 32.12 10.47
CA ARG D 18 4.03 31.25 11.46
C ARG D 18 3.39 29.87 11.37
N VAL D 19 4.21 28.84 11.28
CA VAL D 19 3.69 27.47 11.15
C VAL D 19 4.24 26.56 12.23
N THR D 20 3.35 25.83 12.90
CA THR D 20 3.76 24.93 13.98
C THR D 20 3.30 23.50 13.74
N ILE D 21 4.25 22.57 13.73
CA ILE D 21 3.98 21.15 13.54
C ILE D 21 4.19 20.40 14.85
N THR D 22 3.27 19.49 15.17
CA THR D 22 3.32 18.78 16.44
C THR D 22 3.54 17.27 16.28
N CYS D 23 4.39 16.71 17.15
CA CYS D 23 4.61 15.27 17.20
C CYS D 23 4.37 14.76 18.61
N SER D 24 3.54 13.73 18.74
CA SER D 24 3.21 13.18 20.05
C SER D 24 3.53 11.70 20.11
N ALA D 25 4.53 11.36 20.95
CA ALA D 25 5.00 9.99 21.06
C ALA D 25 4.19 9.17 22.07
N SER D 26 4.07 7.87 21.82
CA SER D 26 3.32 6.97 22.69
C SER D 26 4.00 6.78 24.05
N SER D 27 5.32 6.95 24.07
CA SER D 27 6.09 6.85 25.31
C SER D 27 7.15 7.94 25.42
N ARG D 28 7.64 8.15 26.65
CA ARG D 28 8.59 9.21 26.95
C ARG D 28 9.90 9.09 26.17
N VAL D 29 10.41 10.22 25.70
CA VAL D 29 11.63 10.25 24.89
C VAL D 29 12.57 11.38 25.31
N GLY D 30 13.88 11.14 25.19
CA GLY D 30 14.88 12.11 25.59
C GLY D 30 15.04 13.28 24.63
N TYR D 31 15.10 12.98 23.34
CA TYR D 31 15.28 14.01 22.30
C TYR D 31 14.38 13.73 21.11
N MET D 32 13.88 14.78 20.49
CA MET D 32 13.13 14.63 19.23
C MET D 32 13.91 15.28 18.08
N HIS D 33 13.93 14.62 16.94
CA HIS D 33 14.69 15.11 15.79
C HIS D 33 13.75 15.29 14.61
N TRP D 34 14.11 16.19 13.70
CA TRP D 34 13.22 16.54 12.58
C TRP D 34 13.92 16.50 11.23
N TYR D 35 13.22 15.97 10.23
CA TYR D 35 13.76 15.82 8.89
C TYR D 35 12.90 16.54 7.88
N GLN D 36 13.53 17.25 6.96
CA GLN D 36 12.82 17.87 5.86
C GLN D 36 13.08 17.03 4.63
N GLN D 37 12.05 16.82 3.83
CA GLN D 37 12.22 16.08 2.60
C GLN D 37 11.57 16.76 1.41
N LYS D 38 12.36 17.00 0.38
CA LYS D 38 11.86 17.52 -0.88
C LYS D 38 11.46 16.34 -1.75
N PRO D 39 10.65 16.57 -2.78
CA PRO D 39 10.17 15.49 -3.65
C PRO D 39 11.31 14.77 -4.37
N GLY D 40 11.29 13.44 -4.33
CA GLY D 40 12.30 12.63 -5.00
C GLY D 40 13.71 12.88 -4.49
N LYS D 41 13.82 13.54 -3.34
CA LYS D 41 15.11 13.80 -2.73
C LYS D 41 15.24 13.04 -1.41
N ALA D 42 16.46 12.91 -0.93
CA ALA D 42 16.69 12.25 0.35
C ALA D 42 16.43 13.24 1.46
N PRO D 43 15.92 12.75 2.60
CA PRO D 43 15.62 13.60 3.76
C PRO D 43 16.87 14.31 4.29
N LYS D 44 16.70 15.57 4.65
CA LYS D 44 17.79 16.34 5.24
C LYS D 44 17.46 16.60 6.71
N LEU D 45 18.48 16.59 7.55
CA LEU D 45 18.28 16.85 8.98
C LEU D 45 18.08 18.34 9.23
N LEU D 46 16.93 18.69 9.80
CA LEU D 46 16.60 20.09 10.11
C LEU D 46 16.94 20.47 11.56
N ILE D 47 16.29 19.77 12.49
CA ILE D 47 16.49 20.00 13.91
C ILE D 47 16.94 18.70 14.58
N TYR D 48 17.94 18.80 15.44
CA TYR D 48 18.37 17.66 16.22
C TYR D 48 18.42 18.04 17.70
N ASP D 49 18.49 17.03 18.56
CA ASP D 49 18.47 17.25 20.01
C ASP D 49 17.32 18.15 20.45
N THR D 50 16.18 18.02 19.77
CA THR D 50 14.95 18.71 20.15
C THR D 50 14.85 20.18 19.71
N SER D 51 15.94 20.93 19.84
CA SER D 51 15.91 22.35 19.55
C SER D 51 17.18 22.87 18.88
N LYS D 52 18.11 21.98 18.58
CA LYS D 52 19.38 22.39 17.97
C LYS D 52 19.25 22.47 16.46
N LEU D 53 19.76 23.57 15.90
CA LEU D 53 19.73 23.78 14.46
C LEU D 53 20.88 23.07 13.75
N ALA D 54 20.53 22.16 12.84
CA ALA D 54 21.54 21.51 12.02
C ALA D 54 22.26 22.54 11.17
N SER D 55 23.45 22.20 10.68
CA SER D 55 24.26 23.13 9.90
C SER D 55 23.61 23.45 8.55
N GLY D 56 23.65 24.72 8.18
CA GLY D 56 23.09 25.17 6.92
C GLY D 56 21.58 25.32 6.97
N VAL D 57 21.04 25.43 8.18
CA VAL D 57 19.60 25.55 8.35
C VAL D 57 19.23 26.91 8.93
N PRO D 58 18.41 27.67 8.19
CA PRO D 58 18.02 29.03 8.55
C PRO D 58 17.46 29.10 9.95
N SER D 59 17.89 30.09 10.74
CA SER D 59 17.40 30.27 12.10
C SER D 59 15.88 30.47 12.11
N ARG D 60 15.31 30.60 10.92
CA ARG D 60 13.87 30.63 10.71
C ARG D 60 13.21 29.43 11.38
N PHE D 61 13.89 28.29 11.38
CA PHE D 61 13.41 27.07 12.02
C PHE D 61 13.79 27.03 13.50
N SER D 62 12.97 26.34 14.30
CA SER D 62 13.23 26.19 15.72
C SER D 62 12.50 24.98 16.28
N GLY D 63 12.97 24.48 17.42
CA GLY D 63 12.39 23.30 18.03
C GLY D 63 12.13 23.45 19.51
N SER D 64 11.20 22.65 20.03
CA SER D 64 10.81 22.74 21.42
C SER D 64 9.97 21.55 21.85
N GLY D 65 10.09 21.14 23.11
CA GLY D 65 9.29 20.07 23.64
C GLY D 65 10.03 19.16 24.61
N SER D 66 9.29 18.24 25.23
CA SER D 66 9.87 17.27 26.14
C SER D 66 8.85 16.17 26.45
N GLY D 67 9.33 15.07 27.04
CA GLY D 67 8.46 13.96 27.37
C GLY D 67 7.88 13.30 26.14
N THR D 68 6.60 13.57 25.87
CA THR D 68 5.91 12.97 24.73
C THR D 68 5.42 14.00 23.74
N GLU D 69 5.62 15.28 24.05
CA GLU D 69 5.13 16.36 23.19
C GLU D 69 6.25 17.26 22.68
N PHE D 70 6.37 17.34 21.36
CA PHE D 70 7.37 18.18 20.73
C PHE D 70 6.73 18.94 19.57
N THR D 71 7.27 20.12 19.28
CA THR D 71 6.80 20.92 18.16
C THR D 71 7.95 21.50 17.35
N LEU D 72 7.77 21.55 16.03
CA LEU D 72 8.68 22.25 15.13
C LEU D 72 7.99 23.52 14.69
N THR D 73 8.72 24.63 14.64
CA THR D 73 8.10 25.89 14.26
C THR D 73 8.90 26.68 13.22
N ILE D 74 8.25 27.00 12.11
CA ILE D 74 8.83 27.86 11.10
C ILE D 74 8.31 29.28 11.29
N SER D 75 9.17 30.16 11.78
CA SER D 75 8.76 31.52 12.11
C SER D 75 8.05 32.22 10.94
N SER D 76 8.79 32.51 9.87
CA SER D 76 8.19 33.14 8.70
C SER D 76 8.35 32.29 7.44
N LEU D 77 7.31 31.54 7.13
CA LEU D 77 7.32 30.56 6.05
C LEU D 77 7.74 31.13 4.69
N GLN D 78 8.56 30.38 3.96
CA GLN D 78 9.05 30.84 2.66
C GLN D 78 8.97 29.76 1.58
N PRO D 79 8.99 30.18 0.30
CA PRO D 79 8.80 29.29 -0.84
C PRO D 79 9.61 27.98 -0.74
N ASP D 80 10.88 28.08 -0.36
CA ASP D 80 11.75 26.92 -0.35
C ASP D 80 11.40 25.93 0.75
N ASP D 81 10.37 26.24 1.54
CA ASP D 81 10.00 25.39 2.67
C ASP D 81 8.98 24.33 2.30
N PHE D 82 8.49 24.40 1.06
CA PHE D 82 7.63 23.33 0.57
C PHE D 82 8.36 22.01 0.73
N ALA D 83 7.76 21.11 1.49
CA ALA D 83 8.41 19.84 1.78
C ALA D 83 7.49 18.99 2.64
N THR D 84 7.96 17.79 2.96
CA THR D 84 7.27 16.93 3.91
C THR D 84 8.16 16.79 5.14
N TYR D 85 7.60 17.04 6.30
CA TYR D 85 8.39 17.05 7.52
C TYR D 85 8.12 15.81 8.37
N TYR D 86 9.19 15.22 8.91
CA TYR D 86 9.08 14.02 9.72
C TYR D 86 9.81 14.23 11.04
N CYS D 87 9.22 13.76 12.13
CA CYS D 87 9.93 13.69 13.39
C CYS D 87 10.62 12.33 13.48
N PHE D 88 11.64 12.23 14.31
CA PHE D 88 12.39 10.99 14.41
C PHE D 88 12.91 10.81 15.83
N GLN D 89 12.69 9.62 16.39
CA GLN D 89 13.22 9.30 17.71
C GLN D 89 14.26 8.20 17.57
N GLY D 90 15.33 8.32 18.34
CA GLY D 90 16.38 7.31 18.36
C GLY D 90 16.66 6.89 19.79
N SER D 91 15.76 7.25 20.70
CA SER D 91 15.91 6.97 22.12
C SER D 91 15.67 5.50 22.44
N GLY D 92 14.97 4.80 21.55
CA GLY D 92 14.70 3.38 21.74
C GLY D 92 14.49 2.65 20.43
N TYR D 93 14.76 1.35 20.44
CA TYR D 93 14.56 0.52 19.25
C TYR D 93 13.17 -0.13 19.22
N PRO D 94 12.57 -0.22 18.03
CA PRO D 94 13.14 0.25 16.76
C PRO D 94 13.09 1.76 16.64
N PHE D 95 13.91 2.32 15.74
CA PHE D 95 13.83 3.74 15.44
C PHE D 95 12.54 3.96 14.68
N THR D 96 11.95 5.12 14.84
CA THR D 96 10.67 5.40 14.20
C THR D 96 10.55 6.84 13.73
N PHE D 97 9.81 7.04 12.65
CA PHE D 97 9.50 8.37 12.14
C PHE D 97 8.01 8.61 12.39
N GLY D 98 7.61 9.88 12.31
CA GLY D 98 6.20 10.21 12.37
C GLY D 98 5.54 10.02 11.02
N GLY D 99 4.21 9.99 11.01
CA GLY D 99 3.45 9.84 9.78
C GLY D 99 3.83 10.86 8.72
N GLY D 100 4.24 12.05 9.15
CA GLY D 100 4.67 13.09 8.24
C GLY D 100 3.68 14.24 8.12
N THR D 101 4.19 15.42 7.80
CA THR D 101 3.35 16.58 7.57
C THR D 101 3.73 17.24 6.24
N LYS D 102 2.75 17.44 5.38
CA LYS D 102 2.98 18.00 4.06
C LYS D 102 2.69 19.49 4.06
N VAL D 103 3.71 20.30 3.78
CA VAL D 103 3.55 21.76 3.76
C VAL D 103 3.41 22.31 2.35
N GLU D 104 2.29 22.97 2.07
CA GLU D 104 2.09 23.67 0.80
C GLU D 104 2.10 25.17 1.05
N ILE D 105 2.56 25.95 0.08
CA ILE D 105 2.65 27.41 0.22
C ILE D 105 1.55 28.16 -0.51
N LYS D 106 0.65 28.80 0.24
CA LYS D 106 -0.36 29.65 -0.37
C LYS D 106 0.30 30.85 -1.06
N ARG D 107 0.05 30.99 -2.35
CA ARG D 107 0.49 32.20 -3.05
C ARG D 107 -0.67 32.84 -3.79
N THR D 108 -0.38 33.94 -4.48
CA THR D 108 -1.41 34.63 -5.25
C THR D 108 -1.76 33.81 -6.48
N VAL D 109 -3.02 33.91 -6.91
CA VAL D 109 -3.48 33.22 -8.10
C VAL D 109 -2.57 33.52 -9.28
N ALA D 110 -2.37 32.51 -10.14
CA ALA D 110 -1.58 32.70 -11.35
C ALA D 110 -2.15 31.83 -12.46
N ALA D 111 -2.36 32.43 -13.63
CA ALA D 111 -2.96 31.70 -14.74
C ALA D 111 -1.90 30.93 -15.54
N PRO D 112 -2.27 29.74 -16.02
CA PRO D 112 -1.39 28.85 -16.78
C PRO D 112 -1.03 29.38 -18.17
N SER D 113 0.24 29.27 -18.54
CA SER D 113 0.64 29.40 -19.94
C SER D 113 0.36 28.05 -20.57
N VAL D 114 -0.48 28.03 -21.60
CA VAL D 114 -0.88 26.77 -22.22
C VAL D 114 -0.19 26.52 -23.55
N PHE D 115 0.44 25.36 -23.68
CA PHE D 115 1.08 24.96 -24.92
C PHE D 115 0.51 23.64 -25.39
N ILE D 116 0.60 23.38 -26.69
CA ILE D 116 0.18 22.09 -27.23
C ILE D 116 1.23 21.52 -28.17
N PHE D 117 1.44 20.21 -28.09
CA PHE D 117 2.44 19.53 -28.90
C PHE D 117 1.81 18.41 -29.70
N PRO D 118 1.85 18.52 -31.04
CA PRO D 118 1.43 17.40 -31.88
C PRO D 118 2.44 16.26 -31.76
N PRO D 119 2.00 15.02 -32.05
CA PRO D 119 2.88 13.86 -31.97
C PRO D 119 4.11 14.04 -32.85
N SER D 120 5.25 13.52 -32.42
CA SER D 120 6.46 13.60 -33.22
C SER D 120 6.37 12.67 -34.43
N ASP D 121 7.19 12.92 -35.44
CA ASP D 121 7.22 12.06 -36.61
C ASP D 121 7.87 10.72 -36.27
N GLU D 122 8.75 10.73 -35.27
CA GLU D 122 9.41 9.50 -34.83
C GLU D 122 8.43 8.54 -34.16
N GLN D 123 7.48 9.10 -33.41
CA GLN D 123 6.47 8.29 -32.72
C GLN D 123 5.44 7.75 -33.70
N LEU D 124 5.02 8.60 -34.63
CA LEU D 124 4.03 8.21 -35.62
C LEU D 124 4.49 7.04 -36.48
N LYS D 125 5.79 6.78 -36.48
CA LYS D 125 6.34 5.66 -37.22
C LYS D 125 6.21 4.36 -36.44
N SER D 126 6.18 4.47 -35.12
CA SER D 126 6.05 3.29 -34.26
C SER D 126 4.61 2.81 -34.22
N GLY D 127 3.69 3.68 -34.64
CA GLY D 127 2.28 3.31 -34.75
C GLY D 127 1.37 3.87 -33.67
N THR D 128 1.86 4.87 -32.93
CA THR D 128 1.06 5.50 -31.88
C THR D 128 1.20 7.01 -31.95
N ALA D 129 0.14 7.72 -31.54
CA ALA D 129 0.14 9.18 -31.57
C ALA D 129 -0.21 9.77 -30.21
N SER D 130 0.74 10.45 -29.59
CA SER D 130 0.49 11.10 -28.32
C SER D 130 0.50 12.61 -28.48
N VAL D 131 -0.65 13.23 -28.22
CA VAL D 131 -0.76 14.68 -28.24
C VAL D 131 -0.63 15.20 -26.83
N VAL D 132 0.26 16.17 -26.62
CA VAL D 132 0.53 16.66 -25.29
C VAL D 132 0.11 18.11 -25.07
N CYS D 133 -0.64 18.34 -24.00
CA CYS D 133 -1.04 19.68 -23.60
C CYS D 133 -0.30 20.05 -22.33
N LEU D 134 0.31 21.22 -22.31
CA LEU D 134 1.10 21.64 -21.15
C LEU D 134 0.55 22.91 -20.53
N LEU D 135 0.32 22.87 -19.21
CA LEU D 135 -0.04 24.07 -18.46
C LEU D 135 1.10 24.44 -17.54
N ASN D 136 1.69 25.61 -17.78
CA ASN D 136 2.91 25.98 -17.09
C ASN D 136 2.72 27.07 -16.03
N ASN D 137 3.28 26.83 -14.85
CA ASN D 137 3.37 27.83 -13.79
C ASN D 137 2.06 28.49 -13.40
N PHE D 138 1.16 27.71 -12.81
CA PHE D 138 -0.12 28.22 -12.35
C PHE D 138 -0.39 27.91 -10.88
N TYR D 139 -1.46 28.51 -10.35
CA TYR D 139 -1.89 28.30 -8.98
C TYR D 139 -3.27 28.94 -8.81
N PRO D 140 -4.15 28.32 -8.00
CA PRO D 140 -3.96 27.09 -7.22
C PRO D 140 -3.83 25.85 -8.10
N ARG D 141 -3.73 24.70 -7.46
CA ARG D 141 -3.44 23.45 -8.16
C ARG D 141 -4.60 22.94 -9.00
N GLU D 142 -5.82 23.32 -8.64
CA GLU D 142 -7.01 22.90 -9.39
C GLU D 142 -6.98 23.39 -10.82
N ALA D 143 -7.28 22.49 -11.74
CA ALA D 143 -7.31 22.83 -13.17
C ALA D 143 -8.02 21.75 -13.98
N LYS D 144 -8.96 22.18 -14.81
CA LYS D 144 -9.69 21.27 -15.67
C LYS D 144 -9.19 21.43 -17.10
N VAL D 145 -8.79 20.33 -17.71
CA VAL D 145 -8.41 20.35 -19.12
C VAL D 145 -9.19 19.30 -19.92
N GLN D 146 -9.98 19.77 -20.87
CA GLN D 146 -10.79 18.87 -21.71
C GLN D 146 -10.23 18.79 -23.13
N TRP D 147 -10.19 17.59 -23.68
CA TRP D 147 -9.74 17.39 -25.05
C TRP D 147 -10.89 17.42 -26.05
N LYS D 148 -10.65 18.02 -27.20
CA LYS D 148 -11.65 18.06 -28.26
C LYS D 148 -11.02 17.69 -29.60
N VAL D 149 -11.54 16.64 -30.22
CA VAL D 149 -11.12 16.25 -31.56
C VAL D 149 -12.25 16.52 -32.54
N ASP D 150 -12.06 17.52 -33.38
CA ASP D 150 -13.12 17.95 -34.30
C ASP D 150 -14.37 18.31 -33.53
N ASN D 151 -14.20 19.04 -32.44
CA ASN D 151 -15.30 19.51 -31.61
C ASN D 151 -16.03 18.39 -30.88
N ALA D 152 -15.40 17.23 -30.77
CA ALA D 152 -15.97 16.12 -30.02
C ALA D 152 -15.19 15.91 -28.72
N LEU D 153 -15.84 16.17 -27.59
CA LEU D 153 -15.20 16.00 -26.29
C LEU D 153 -14.70 14.57 -26.13
N GLN D 154 -13.48 14.42 -25.64
CA GLN D 154 -12.89 13.10 -25.44
C GLN D 154 -13.06 12.62 -24.00
N SER D 155 -12.99 11.29 -23.83
CA SER D 155 -13.06 10.68 -22.50
C SER D 155 -12.29 9.37 -22.49
N GLY D 156 -11.62 9.10 -21.38
CA GLY D 156 -10.97 7.82 -21.15
C GLY D 156 -9.77 7.53 -22.03
N ASN D 157 -9.33 8.51 -22.81
CA ASN D 157 -8.15 8.34 -23.64
C ASN D 157 -7.05 9.37 -23.38
N SER D 158 -7.03 9.91 -22.16
CA SER D 158 -6.00 10.88 -21.78
C SER D 158 -5.53 10.65 -20.35
N GLN D 159 -4.33 11.16 -20.04
CA GLN D 159 -3.79 11.10 -18.69
C GLN D 159 -3.15 12.42 -18.28
N GLU D 160 -3.19 12.71 -16.99
CA GLU D 160 -2.65 13.96 -16.48
C GLU D 160 -1.58 13.71 -15.42
N SER D 161 -0.50 14.47 -15.49
CA SER D 161 0.52 14.43 -14.47
C SER D 161 0.82 15.84 -13.99
N VAL D 162 0.66 16.07 -12.69
CA VAL D 162 0.91 17.39 -12.13
C VAL D 162 2.21 17.42 -11.33
N THR D 163 2.94 18.52 -11.49
CA THR D 163 4.23 18.71 -10.85
C THR D 163 4.08 18.95 -9.35
N GLU D 164 5.16 18.74 -8.61
CA GLU D 164 5.21 19.12 -7.20
C GLU D 164 5.43 20.63 -7.11
N GLN D 165 4.84 21.27 -6.10
CA GLN D 165 4.96 22.73 -5.97
C GLN D 165 6.38 23.22 -6.18
N ASP D 166 6.53 24.31 -6.93
CA ASP D 166 7.83 24.92 -7.16
C ASP D 166 8.39 25.53 -5.87
N SER D 167 9.68 25.32 -5.63
CA SER D 167 10.31 25.80 -4.40
C SER D 167 10.75 27.26 -4.50
N LYS D 168 10.46 27.89 -5.63
CA LYS D 168 10.82 29.30 -5.83
C LYS D 168 9.61 30.20 -6.01
N ASP D 169 8.74 29.87 -6.96
CA ASP D 169 7.54 30.69 -7.20
C ASP D 169 6.26 30.02 -6.71
N SER D 170 6.39 28.81 -6.19
CA SER D 170 5.26 28.14 -5.52
C SER D 170 4.13 27.72 -6.46
N THR D 171 4.45 27.56 -7.74
CA THR D 171 3.44 27.20 -8.73
C THR D 171 3.48 25.73 -9.12
N TYR D 172 2.40 25.26 -9.74
CA TYR D 172 2.33 23.91 -10.26
C TYR D 172 2.34 23.92 -11.79
N SER D 173 2.74 22.81 -12.40
CA SER D 173 2.64 22.64 -13.84
C SER D 173 2.05 21.28 -14.15
N LEU D 174 1.22 21.20 -15.18
CA LEU D 174 0.49 19.98 -15.49
C LEU D 174 0.63 19.59 -16.95
N SER D 175 0.58 18.30 -17.22
CA SER D 175 0.61 17.80 -18.58
C SER D 175 -0.57 16.86 -18.81
N SER D 176 -1.19 16.98 -19.97
CA SER D 176 -2.31 16.12 -20.33
C SER D 176 -1.99 15.44 -21.65
N THR D 177 -1.87 14.13 -21.63
CA THR D 177 -1.49 13.38 -22.82
C THR D 177 -2.68 12.64 -23.41
N LEU D 178 -3.06 13.00 -24.62
CA LEU D 178 -4.07 12.26 -25.36
C LEU D 178 -3.35 11.23 -26.24
N THR D 179 -3.63 9.95 -26.00
CA THR D 179 -2.97 8.89 -26.75
C THR D 179 -3.92 8.13 -27.67
N LEU D 180 -3.64 8.18 -28.96
CA LEU D 180 -4.41 7.46 -29.95
C LEU D 180 -3.50 6.54 -30.75
N SER D 181 -4.09 5.58 -31.45
CA SER D 181 -3.35 4.81 -32.43
C SER D 181 -3.16 5.72 -33.64
N LYS D 182 -2.04 5.56 -34.34
CA LYS D 182 -1.78 6.34 -35.54
C LYS D 182 -3.02 6.37 -36.44
N ALA D 183 -3.69 5.24 -36.57
CA ALA D 183 -4.87 5.12 -37.41
C ALA D 183 -5.99 6.08 -36.99
N ASP D 184 -6.40 6.02 -35.74
CA ASP D 184 -7.45 6.91 -35.25
C ASP D 184 -7.02 8.37 -35.38
N TYR D 185 -5.73 8.62 -35.18
CA TYR D 185 -5.21 9.98 -35.24
C TYR D 185 -5.39 10.62 -36.62
N GLU D 186 -4.94 9.92 -37.66
CA GLU D 186 -5.04 10.44 -39.02
C GLU D 186 -6.48 10.45 -39.51
N LYS D 187 -7.38 10.00 -38.66
CA LYS D 187 -8.81 9.96 -38.99
C LYS D 187 -9.46 11.31 -38.72
N HIS D 188 -8.74 12.19 -38.01
CA HIS D 188 -9.30 13.47 -37.60
C HIS D 188 -8.42 14.67 -37.97
N LYS D 189 -9.01 15.87 -37.94
CA LYS D 189 -8.35 17.07 -38.43
C LYS D 189 -7.83 17.95 -37.29
N VAL D 190 -8.75 18.57 -36.55
CA VAL D 190 -8.37 19.51 -35.50
C VAL D 190 -8.28 18.85 -34.13
N TYR D 191 -7.20 19.16 -33.44
CA TYR D 191 -7.00 18.70 -32.07
C TYR D 191 -6.88 19.89 -31.15
N ALA D 192 -7.77 20.00 -30.17
CA ALA D 192 -7.84 21.17 -29.32
C ALA D 192 -7.80 20.82 -27.84
N CYS D 193 -7.15 21.67 -27.06
CA CYS D 193 -7.02 21.50 -25.63
C CYS D 193 -7.66 22.69 -24.92
N GLU D 194 -8.76 22.45 -24.21
CA GLU D 194 -9.47 23.54 -23.53
C GLU D 194 -9.21 23.55 -22.03
N VAL D 195 -8.67 24.67 -21.54
CA VAL D 195 -8.22 24.78 -20.16
C VAL D 195 -9.11 25.70 -19.34
N THR D 196 -9.49 25.23 -18.15
CA THR D 196 -10.26 26.03 -17.21
C THR D 196 -9.53 26.12 -15.88
N HIS D 197 -9.19 27.34 -15.49
CA HIS D 197 -8.44 27.56 -14.26
C HIS D 197 -8.89 28.85 -13.59
N GLN D 198 -8.62 28.96 -12.29
CA GLN D 198 -9.08 30.11 -11.53
C GLN D 198 -8.48 31.43 -12.02
N GLY D 199 -7.25 31.39 -12.53
CA GLY D 199 -6.61 32.57 -13.06
C GLY D 199 -7.07 32.95 -14.46
N LEU D 200 -7.99 32.14 -15.01
CA LEU D 200 -8.53 32.43 -16.33
C LEU D 200 -9.95 32.96 -16.23
N SER D 201 -10.19 34.14 -16.80
CA SER D 201 -11.52 34.71 -16.82
C SER D 201 -12.43 33.89 -17.75
N SER D 202 -11.85 33.30 -18.79
CA SER D 202 -12.59 32.45 -19.71
C SER D 202 -11.69 31.35 -20.29
N PRO D 203 -12.25 30.16 -20.50
CA PRO D 203 -11.53 28.96 -20.95
C PRO D 203 -10.62 29.22 -22.15
N VAL D 204 -9.33 28.95 -21.98
CA VAL D 204 -8.36 29.12 -23.05
C VAL D 204 -8.27 27.86 -23.90
N THR D 205 -8.21 28.02 -25.21
CA THR D 205 -8.13 26.87 -26.11
C THR D 205 -6.93 26.96 -27.05
N LYS D 206 -6.01 26.01 -26.90
CA LYS D 206 -4.91 25.86 -27.84
C LYS D 206 -5.20 24.67 -28.74
N SER D 207 -4.91 24.79 -30.03
CA SER D 207 -5.21 23.72 -30.98
C SER D 207 -4.25 23.67 -32.16
N PHE D 208 -4.46 22.69 -33.03
CA PHE D 208 -3.69 22.56 -34.27
C PHE D 208 -4.40 21.66 -35.28
N ASN D 209 -4.19 21.93 -36.56
CA ASN D 209 -4.72 21.07 -37.61
C ASN D 209 -3.71 20.02 -38.03
N ARG D 210 -4.13 18.76 -38.02
CA ARG D 210 -3.23 17.63 -38.35
C ARG D 210 -2.47 17.87 -39.65
N GLN E 1 33.26 16.34 2.25
CA GLN E 1 31.94 16.03 2.78
C GLN E 1 31.70 14.53 2.79
N VAL E 2 31.06 14.05 3.85
CA VAL E 2 30.66 12.65 3.93
C VAL E 2 29.60 12.37 2.87
N THR E 3 29.83 11.33 2.07
CA THR E 3 28.85 10.93 1.07
C THR E 3 28.48 9.46 1.21
N LEU E 4 27.34 9.09 0.65
CA LEU E 4 26.88 7.70 0.70
C LEU E 4 26.12 7.42 -0.59
N ARG E 5 26.41 6.28 -1.20
CA ARG E 5 25.73 5.86 -2.41
C ARG E 5 25.23 4.44 -2.28
N GLU E 6 23.91 4.28 -2.30
CA GLU E 6 23.30 2.96 -2.30
C GLU E 6 23.36 2.38 -3.71
N SER E 7 23.36 1.06 -3.81
CA SER E 7 23.34 0.38 -5.10
C SER E 7 22.73 -1.01 -4.97
N GLY E 8 22.06 -1.45 -6.03
CA GLY E 8 21.40 -2.74 -6.02
C GLY E 8 20.47 -2.86 -7.22
N PRO E 9 19.77 -3.99 -7.33
CA PRO E 9 18.83 -4.20 -8.43
C PRO E 9 17.69 -3.20 -8.39
N ALA E 10 17.21 -2.77 -9.56
CA ALA E 10 16.04 -1.93 -9.62
C ALA E 10 14.79 -2.80 -9.68
N LEU E 11 14.95 -4.00 -10.23
CA LEU E 11 13.84 -4.93 -10.37
C LEU E 11 14.17 -6.25 -9.71
N VAL E 12 13.19 -6.84 -9.04
CA VAL E 12 13.38 -8.13 -8.39
C VAL E 12 12.04 -8.85 -8.25
N LYS E 13 12.01 -10.11 -8.65
CA LYS E 13 10.80 -10.91 -8.60
C LYS E 13 10.38 -11.18 -7.16
N PRO E 14 9.09 -11.45 -6.93
CA PRO E 14 8.62 -11.79 -5.59
C PRO E 14 9.36 -13.01 -5.04
N THR E 15 9.43 -13.11 -3.72
CA THR E 15 10.13 -14.21 -3.04
C THR E 15 11.65 -14.13 -3.17
N GLN E 16 12.14 -13.39 -4.16
CA GLN E 16 13.58 -13.25 -4.33
C GLN E 16 14.20 -12.36 -3.26
N THR E 17 15.53 -12.44 -3.14
CA THR E 17 16.25 -11.69 -2.13
C THR E 17 16.82 -10.40 -2.69
N LEU E 18 16.69 -9.32 -1.92
CA LEU E 18 17.27 -8.05 -2.28
C LEU E 18 18.62 -7.87 -1.61
N THR E 19 19.62 -7.45 -2.37
CA THR E 19 20.94 -7.21 -1.81
C THR E 19 21.39 -5.79 -2.11
N LEU E 20 21.37 -4.95 -1.07
CA LEU E 20 21.74 -3.55 -1.20
C LEU E 20 23.15 -3.30 -0.66
N THR E 21 23.84 -2.35 -1.29
CA THR E 21 25.20 -1.99 -0.91
C THR E 21 25.33 -0.50 -0.72
N CYS E 22 25.93 -0.10 0.40
CA CYS E 22 26.14 1.31 0.71
C CYS E 22 27.63 1.61 0.68
N THR E 23 28.07 2.35 -0.33
CA THR E 23 29.47 2.74 -0.41
C THR E 23 29.62 4.20 0.01
N PHE E 24 30.50 4.45 0.98
CA PHE E 24 30.62 5.80 1.51
C PHE E 24 32.06 6.33 1.53
N SER E 25 32.19 7.60 1.84
CA SER E 25 33.49 8.24 1.96
C SER E 25 33.37 9.44 2.88
N GLY E 26 34.51 9.99 3.29
CA GLY E 26 34.52 11.13 4.19
C GLY E 26 34.71 10.70 5.63
N PHE E 27 34.37 9.46 5.92
CA PHE E 27 34.54 8.90 7.26
C PHE E 27 34.80 7.39 7.19
N SER E 28 35.32 6.84 8.28
CA SER E 28 35.52 5.39 8.36
C SER E 28 34.57 4.76 9.39
N LEU E 29 34.07 3.58 9.06
CA LEU E 29 33.15 2.86 9.92
C LEU E 29 33.91 2.21 11.08
N SER E 30 35.21 2.05 10.92
CA SER E 30 36.03 1.44 11.98
C SER E 30 36.31 2.44 13.10
N THR E 31 35.98 3.70 12.85
CA THR E 31 36.14 4.75 13.86
C THR E 31 35.09 4.59 14.94
N ALA E 32 35.52 4.70 16.20
CA ALA E 32 34.62 4.55 17.33
C ALA E 32 33.47 5.56 17.27
N GLY E 33 32.25 5.10 17.53
CA GLY E 33 31.10 5.97 17.54
C GLY E 33 30.33 5.99 16.23
N MET E 34 30.95 5.47 15.18
CA MET E 34 30.38 5.56 13.84
C MET E 34 29.42 4.40 13.54
N SER E 35 28.35 4.71 12.81
CA SER E 35 27.33 3.74 12.49
C SER E 35 26.70 4.00 11.13
N VAL E 36 26.14 2.95 10.53
CA VAL E 36 25.39 3.11 9.29
C VAL E 36 24.03 2.43 9.41
N GLY E 37 22.99 3.12 8.99
CA GLY E 37 21.64 2.60 9.07
C GLY E 37 20.96 2.61 7.72
N TRP E 38 19.99 1.71 7.55
CA TRP E 38 19.21 1.64 6.33
C TRP E 38 17.77 2.06 6.58
N ILE E 39 17.21 2.78 5.62
CA ILE E 39 15.87 3.34 5.75
C ILE E 39 15.22 3.31 4.37
N ARG E 40 13.94 2.95 4.34
CA ARG E 40 13.25 2.85 3.06
C ARG E 40 11.97 3.65 3.07
N GLN E 41 11.48 3.99 1.88
CA GLN E 41 10.23 4.72 1.75
C GLN E 41 9.35 4.13 0.66
N PRO E 42 8.28 3.44 1.07
CA PRO E 42 7.31 2.89 0.13
C PRO E 42 6.57 4.01 -0.57
N PRO E 43 6.03 3.75 -1.77
CA PRO E 43 5.30 4.79 -2.51
C PRO E 43 4.22 5.43 -1.64
N GLY E 44 4.20 6.76 -1.61
CA GLY E 44 3.20 7.49 -0.86
C GLY E 44 3.06 7.08 0.60
N LYS E 45 4.18 6.73 1.23
CA LYS E 45 4.18 6.37 2.65
C LYS E 45 5.33 7.04 3.38
N ALA E 46 5.26 7.05 4.71
CA ALA E 46 6.29 7.67 5.53
C ALA E 46 7.57 6.86 5.51
N LEU E 47 8.60 7.38 6.19
CA LEU E 47 9.89 6.70 6.25
C LEU E 47 9.87 5.60 7.29
N GLU E 48 10.50 4.47 6.95
CA GLU E 48 10.57 3.33 7.86
C GLU E 48 12.03 2.90 8.07
N TRP E 49 12.46 2.87 9.32
CA TRP E 49 13.80 2.38 9.63
C TRP E 49 13.84 0.87 9.52
N LEU E 50 14.98 0.34 9.07
CA LEU E 50 15.09 -1.07 8.76
C LEU E 50 16.14 -1.78 9.61
N ALA E 51 17.32 -1.16 9.71
CA ALA E 51 18.46 -1.82 10.34
C ALA E 51 19.62 -0.86 10.52
N ASP E 52 20.56 -1.23 11.37
CA ASP E 52 21.83 -0.51 11.44
C ASP E 52 22.96 -1.39 11.97
N ILE E 53 24.16 -0.82 12.02
CA ILE E 53 25.35 -1.56 12.40
C ILE E 53 26.39 -0.58 12.92
N TRP E 54 27.25 -1.03 13.82
CA TRP E 54 28.21 -0.12 14.45
C TRP E 54 29.64 -0.60 14.26
N TRP E 55 30.59 0.22 14.71
CA TRP E 55 32.00 -0.08 14.50
C TRP E 55 32.42 -1.34 15.26
N ASP E 56 31.68 -1.66 16.32
CA ASP E 56 31.96 -2.84 17.12
C ASP E 56 31.13 -4.03 16.66
N ASP E 57 30.53 -3.90 15.48
CA ASP E 57 29.77 -4.97 14.84
C ASP E 57 28.40 -5.25 15.48
N LYS E 58 27.97 -4.37 16.38
CA LYS E 58 26.62 -4.45 16.92
C LYS E 58 25.58 -4.15 15.84
N LYS E 59 24.52 -4.97 15.80
CA LYS E 59 23.50 -4.84 14.78
C LYS E 59 22.10 -4.71 15.37
N HIS E 60 21.23 -3.96 14.69
CA HIS E 60 19.83 -3.85 15.09
C HIS E 60 18.91 -3.98 13.88
N TYR E 61 17.71 -4.52 14.11
CA TYR E 61 16.76 -4.72 13.03
C TYR E 61 15.35 -4.34 13.46
N ASN E 62 14.55 -3.88 12.49
CA ASN E 62 13.15 -3.55 12.74
C ASN E 62 12.29 -4.80 12.75
N PRO E 63 11.69 -5.10 13.92
CA PRO E 63 10.88 -6.30 14.16
C PRO E 63 9.81 -6.53 13.08
N SER E 64 9.30 -5.46 12.49
CA SER E 64 8.30 -5.57 11.43
C SER E 64 8.84 -6.40 10.26
N LEU E 65 10.08 -6.14 9.87
CA LEU E 65 10.70 -6.83 8.75
C LEU E 65 11.62 -7.94 9.22
N LYS E 66 11.18 -8.68 10.23
CA LYS E 66 11.98 -9.75 10.80
C LYS E 66 11.22 -11.06 10.60
N ASP E 67 11.95 -12.15 10.39
CA ASP E 67 13.40 -12.16 10.35
C ASP E 67 13.93 -12.24 8.93
N ARG E 68 13.71 -11.18 8.16
CA ARG E 68 14.06 -11.17 6.75
C ARG E 68 15.29 -10.32 6.47
N LEU E 69 15.87 -9.74 7.51
CA LEU E 69 16.95 -8.79 7.36
C LEU E 69 18.30 -9.33 7.78
N THR E 70 19.32 -9.02 7.00
CA THR E 70 20.69 -9.38 7.32
C THR E 70 21.62 -8.23 6.97
N ILE E 71 22.28 -7.67 7.98
CA ILE E 71 23.18 -6.54 7.76
C ILE E 71 24.62 -6.89 8.13
N SER E 72 25.56 -6.50 7.28
CA SER E 72 26.98 -6.75 7.52
C SER E 72 27.83 -5.61 6.97
N LYS E 73 29.09 -5.57 7.37
CA LYS E 73 29.98 -4.49 6.95
C LYS E 73 31.33 -5.01 6.46
N ASP E 74 32.05 -4.16 5.74
CA ASP E 74 33.40 -4.44 5.32
C ASP E 74 34.19 -3.13 5.29
N THR E 75 34.80 -2.79 6.42
CA THR E 75 35.52 -1.55 6.58
C THR E 75 36.64 -1.37 5.56
N SER E 76 37.15 -2.50 5.04
CA SER E 76 38.19 -2.45 4.03
C SER E 76 37.75 -1.68 2.80
N LYS E 77 36.52 -1.96 2.36
CA LYS E 77 35.98 -1.36 1.14
C LYS E 77 35.03 -0.20 1.44
N ASN E 78 34.96 0.18 2.71
CA ASN E 78 34.05 1.24 3.15
C ASN E 78 32.61 1.00 2.72
N GLN E 79 32.10 -0.21 2.92
CA GLN E 79 30.73 -0.50 2.53
C GLN E 79 29.95 -1.40 3.48
N VAL E 80 28.64 -1.23 3.47
CA VAL E 80 27.71 -2.01 4.27
C VAL E 80 26.69 -2.63 3.33
N VAL E 81 26.28 -3.86 3.64
CA VAL E 81 25.33 -4.56 2.79
C VAL E 81 24.10 -4.99 3.58
N LEU E 82 22.92 -4.76 3.01
CA LEU E 82 21.66 -5.20 3.62
C LEU E 82 20.97 -6.20 2.70
N LYS E 83 20.55 -7.33 3.27
CA LYS E 83 19.82 -8.34 2.50
C LYS E 83 18.39 -8.44 3.01
N VAL E 84 17.43 -8.47 2.09
CA VAL E 84 16.03 -8.67 2.45
C VAL E 84 15.51 -9.90 1.72
N THR E 85 15.11 -10.91 2.48
CA THR E 85 14.64 -12.16 1.88
C THR E 85 13.14 -12.10 1.61
N ASN E 86 12.68 -13.01 0.75
CA ASN E 86 11.26 -13.14 0.44
C ASN E 86 10.59 -11.80 0.14
N MET E 87 11.04 -11.15 -0.94
CA MET E 87 10.51 -9.84 -1.27
C MET E 87 9.06 -9.88 -1.73
N ASP E 88 8.32 -8.83 -1.40
CA ASP E 88 6.91 -8.74 -1.73
C ASP E 88 6.67 -7.41 -2.44
N PRO E 89 5.66 -7.35 -3.32
CA PRO E 89 5.32 -6.09 -3.99
C PRO E 89 5.22 -4.92 -3.01
N ALA E 90 4.81 -5.19 -1.78
CA ALA E 90 4.71 -4.17 -0.76
C ALA E 90 6.09 -3.71 -0.28
N ASP E 91 7.11 -4.47 -0.63
CA ASP E 91 8.49 -4.11 -0.30
C ASP E 91 9.05 -3.11 -1.33
N THR E 92 8.29 -2.90 -2.39
CA THR E 92 8.64 -1.91 -3.40
C THR E 92 8.82 -0.54 -2.76
N ALA E 93 9.99 0.06 -2.93
CA ALA E 93 10.29 1.32 -2.28
C ALA E 93 11.66 1.90 -2.67
N THR E 94 11.95 3.09 -2.15
CA THR E 94 13.25 3.71 -2.32
C THR E 94 14.07 3.48 -1.05
N TYR E 95 15.27 2.94 -1.20
CA TYR E 95 16.08 2.57 -0.04
C TYR E 95 17.26 3.51 0.16
N TYR E 96 17.43 3.96 1.40
CA TYR E 96 18.47 4.92 1.74
C TYR E 96 19.44 4.32 2.75
N CYS E 97 20.70 4.75 2.67
CA CYS E 97 21.64 4.50 3.74
C CYS E 97 21.99 5.84 4.36
N ALA E 98 22.48 5.81 5.61
CA ALA E 98 22.75 7.05 6.31
C ALA E 98 23.71 6.83 7.46
N ARG E 99 24.56 7.82 7.70
CA ARG E 99 25.53 7.76 8.79
C ARG E 99 24.87 8.08 10.11
N ASP E 100 25.45 7.57 11.20
CA ASP E 100 24.93 7.79 12.53
C ASP E 100 26.10 7.80 13.51
N MET E 101 25.92 8.48 14.64
CA MET E 101 26.93 8.44 15.69
C MET E 101 26.26 8.24 17.04
N ILE E 102 27.01 7.68 17.99
CA ILE E 102 26.49 7.46 19.33
C ILE E 102 26.47 8.75 20.14
N PHE E 103 27.17 9.77 19.65
CA PHE E 103 27.10 11.10 20.24
C PHE E 103 25.73 11.68 19.94
N ASN E 104 25.10 11.16 18.89
CA ASN E 104 23.84 11.68 18.41
C ASN E 104 23.10 10.64 17.58
N PHE E 105 22.12 9.99 18.21
CA PHE E 105 21.39 8.90 17.58
C PHE E 105 20.39 9.39 16.53
N TYR E 106 20.90 10.04 15.50
CA TYR E 106 20.09 10.44 14.36
C TYR E 106 20.94 10.37 13.10
N PHE E 107 20.29 10.41 11.94
CA PHE E 107 20.98 10.28 10.67
C PHE E 107 21.31 11.65 10.09
N ASP E 108 22.56 12.07 10.26
CA ASP E 108 22.98 13.40 9.85
C ASP E 108 23.29 13.50 8.36
N VAL E 109 23.78 12.41 7.77
CA VAL E 109 24.07 12.38 6.35
C VAL E 109 23.43 11.17 5.65
N TRP E 110 22.77 11.43 4.53
CA TRP E 110 22.03 10.40 3.81
C TRP E 110 22.56 10.20 2.41
N GLY E 111 22.36 8.99 1.88
CA GLY E 111 22.63 8.74 0.47
C GLY E 111 21.47 9.27 -0.34
N GLN E 112 21.59 9.21 -1.67
CA GLN E 112 20.54 9.73 -2.54
C GLN E 112 19.39 8.73 -2.70
N GLY E 113 19.64 7.49 -2.30
CA GLY E 113 18.64 6.45 -2.38
C GLY E 113 18.66 5.72 -3.70
N THR E 114 18.19 4.48 -3.69
CA THR E 114 18.05 3.69 -4.91
C THR E 114 16.68 3.03 -4.87
N THR E 115 16.05 2.91 -6.03
CA THR E 115 14.66 2.47 -6.09
C THR E 115 14.54 0.99 -6.45
N VAL E 116 13.70 0.29 -5.70
CA VAL E 116 13.51 -1.15 -5.89
C VAL E 116 12.04 -1.49 -6.10
N THR E 117 11.75 -2.15 -7.20
CA THR E 117 10.39 -2.55 -7.52
C THR E 117 10.29 -4.07 -7.50
N VAL E 118 9.28 -4.59 -6.81
CA VAL E 118 9.05 -6.03 -6.77
C VAL E 118 7.88 -6.39 -7.66
N SER E 119 8.19 -7.08 -8.75
CA SER E 119 7.18 -7.37 -9.77
C SER E 119 7.61 -8.57 -10.60
N SER E 120 6.63 -9.30 -11.13
CA SER E 120 6.92 -10.42 -12.00
C SER E 120 7.12 -9.95 -13.42
N ALA E 121 6.70 -8.71 -13.69
CA ALA E 121 6.89 -8.11 -15.01
C ALA E 121 8.38 -7.97 -15.31
N SER E 122 8.72 -7.93 -16.59
CA SER E 122 10.11 -7.81 -17.00
C SER E 122 10.47 -6.38 -17.36
N THR E 123 11.76 -6.09 -17.38
CA THR E 123 12.26 -4.77 -17.72
C THR E 123 12.01 -4.44 -19.19
N LYS E 124 11.73 -3.18 -19.47
CA LYS E 124 11.62 -2.70 -20.84
C LYS E 124 12.16 -1.27 -20.94
N GLY E 125 12.97 -1.03 -21.97
CA GLY E 125 13.53 0.28 -22.20
C GLY E 125 12.48 1.26 -22.72
N PRO E 126 12.66 2.55 -22.43
CA PRO E 126 11.75 3.59 -22.89
C PRO E 126 11.99 3.97 -24.35
N SER E 127 10.98 4.58 -24.96
CA SER E 127 11.15 5.24 -26.24
C SER E 127 11.14 6.73 -25.98
N VAL E 128 12.08 7.46 -26.57
CA VAL E 128 12.20 8.89 -26.34
C VAL E 128 11.83 9.69 -27.60
N PHE E 129 10.70 10.38 -27.54
CA PHE E 129 10.24 11.18 -28.67
C PHE E 129 10.39 12.67 -28.37
N PRO E 130 10.60 13.47 -29.42
CA PRO E 130 10.74 14.92 -29.26
C PRO E 130 9.40 15.61 -29.17
N LEU E 131 9.29 16.59 -28.27
CA LEU E 131 8.16 17.49 -28.27
C LEU E 131 8.70 18.80 -28.84
N ALA E 132 8.47 19.00 -30.13
CA ALA E 132 9.06 20.12 -30.85
C ALA E 132 8.32 21.43 -30.60
N PRO E 133 9.08 22.53 -30.50
CA PRO E 133 8.53 23.87 -30.27
C PRO E 133 7.84 24.45 -31.50
N THR E 142 8.09 33.55 -24.99
CA THR E 142 8.58 32.30 -24.41
C THR E 142 8.01 31.09 -25.14
N ALA E 143 8.88 30.13 -25.44
CA ALA E 143 8.49 28.92 -26.17
C ALA E 143 8.83 27.66 -25.36
N ALA E 144 7.95 26.67 -25.42
CA ALA E 144 8.14 25.43 -24.68
C ALA E 144 8.51 24.27 -25.60
N LEU E 145 9.29 23.33 -25.07
CA LEU E 145 9.69 22.13 -25.79
C LEU E 145 10.12 21.07 -24.78
N GLY E 146 10.22 19.83 -25.22
CA GLY E 146 10.59 18.75 -24.32
C GLY E 146 10.67 17.39 -24.97
N CYS E 147 10.77 16.35 -24.14
CA CYS E 147 10.87 14.98 -24.62
C CYS E 147 9.81 14.08 -23.98
N LEU E 148 9.24 13.20 -24.78
CA LEU E 148 8.27 12.22 -24.30
C LEU E 148 8.93 10.86 -24.09
N VAL E 149 9.08 10.47 -22.82
CA VAL E 149 9.69 9.19 -22.47
C VAL E 149 8.60 8.14 -22.23
N LYS E 150 8.38 7.29 -23.23
CA LYS E 150 7.20 6.44 -23.23
C LYS E 150 7.49 4.94 -23.13
N ASP E 151 6.60 4.22 -22.43
CA ASP E 151 6.62 2.76 -22.40
C ASP E 151 7.89 2.15 -21.80
N TYR E 152 8.06 2.32 -20.49
CA TYR E 152 9.19 1.70 -19.81
C TYR E 152 8.79 1.05 -18.50
N PHE E 153 9.64 0.14 -18.02
CA PHE E 153 9.43 -0.52 -16.74
C PHE E 153 10.75 -1.05 -16.22
N PRO E 154 11.01 -0.85 -14.92
CA PRO E 154 10.12 -0.11 -14.01
C PRO E 154 10.61 1.31 -13.82
N GLU E 155 10.22 1.91 -12.71
CA GLU E 155 10.79 3.17 -12.28
C GLU E 155 12.20 2.89 -11.78
N PRO E 156 13.05 3.92 -11.76
CA PRO E 156 12.73 5.24 -12.27
C PRO E 156 13.59 5.59 -13.48
N VAL E 157 13.36 6.77 -14.04
CA VAL E 157 14.19 7.30 -15.09
C VAL E 157 14.49 8.77 -14.80
N THR E 158 15.75 9.17 -14.99
CA THR E 158 16.12 10.55 -14.78
C THR E 158 16.22 11.27 -16.12
N VAL E 159 15.80 12.53 -16.15
CA VAL E 159 15.94 13.34 -17.34
C VAL E 159 16.76 14.58 -17.02
N SER E 160 17.61 14.97 -17.96
CA SER E 160 18.39 16.19 -17.83
C SER E 160 18.49 16.86 -19.18
N TRP E 161 18.99 18.09 -19.19
CA TRP E 161 19.08 18.86 -20.42
C TRP E 161 20.47 19.46 -20.59
N ASN E 162 21.01 19.35 -21.79
CA ASN E 162 22.37 19.78 -22.05
C ASN E 162 23.34 19.28 -20.98
N SER E 163 23.10 18.06 -20.52
CA SER E 163 23.96 17.40 -19.53
C SER E 163 23.84 18.03 -18.15
N GLY E 164 22.79 18.81 -17.94
CA GLY E 164 22.55 19.43 -16.65
C GLY E 164 22.92 20.89 -16.63
N ALA E 165 23.31 21.42 -17.79
CA ALA E 165 23.61 22.83 -17.94
C ALA E 165 22.33 23.66 -17.91
N LEU E 166 21.28 23.12 -18.51
CA LEU E 166 19.98 23.77 -18.51
C LEU E 166 19.09 23.20 -17.41
N THR E 167 18.83 23.99 -16.38
CA THR E 167 18.08 23.50 -15.23
C THR E 167 16.86 24.34 -14.88
N SER E 168 16.88 25.63 -15.22
CA SER E 168 15.77 26.52 -14.90
C SER E 168 14.67 26.45 -15.95
N GLY E 169 13.42 26.59 -15.52
CA GLY E 169 12.29 26.48 -16.42
C GLY E 169 11.96 25.02 -16.74
N VAL E 170 12.83 24.12 -16.30
CA VAL E 170 12.67 22.70 -16.57
C VAL E 170 11.70 22.02 -15.62
N HIS E 171 10.66 21.42 -16.20
CA HIS E 171 9.69 20.67 -15.42
C HIS E 171 9.70 19.22 -15.86
N THR E 172 9.99 18.31 -14.93
CA THR E 172 9.91 16.89 -15.22
C THR E 172 8.76 16.25 -14.47
N PHE E 173 7.79 15.74 -15.22
CA PHE E 173 6.55 15.26 -14.64
C PHE E 173 6.66 13.86 -14.05
N PRO E 174 6.01 13.66 -12.90
CA PRO E 174 5.85 12.33 -12.30
C PRO E 174 5.36 11.36 -13.35
N ALA E 175 6.00 10.20 -13.46
CA ALA E 175 5.59 9.21 -14.45
C ALA E 175 4.17 8.76 -14.19
N VAL E 176 3.44 8.47 -15.25
CA VAL E 176 2.08 7.97 -15.12
C VAL E 176 2.04 6.51 -15.60
N LEU E 177 1.17 5.71 -14.99
CA LEU E 177 1.05 4.30 -15.35
C LEU E 177 -0.05 4.08 -16.39
N GLN E 178 0.35 3.74 -17.60
CA GLN E 178 -0.60 3.50 -18.68
C GLN E 178 -1.32 2.16 -18.50
N SER E 179 -2.39 1.95 -19.27
CA SER E 179 -3.20 0.75 -19.12
C SER E 179 -2.44 -0.51 -19.52
N SER E 180 -1.31 -0.32 -20.20
CA SER E 180 -0.47 -1.43 -20.64
C SER E 180 0.32 -2.02 -19.47
N GLY E 181 0.43 -1.26 -18.39
CA GLY E 181 1.25 -1.65 -17.26
C GLY E 181 2.61 -1.00 -17.30
N LEU E 182 2.86 -0.24 -18.37
CA LEU E 182 4.13 0.46 -18.54
C LEU E 182 4.02 1.92 -18.14
N TYR E 183 5.13 2.47 -17.65
CA TYR E 183 5.17 3.87 -17.25
C TYR E 183 5.50 4.76 -18.44
N SER E 184 5.13 6.02 -18.31
CA SER E 184 5.40 7.02 -19.34
C SER E 184 5.49 8.37 -18.64
N LEU E 185 6.35 9.26 -19.14
CA LEU E 185 6.49 10.57 -18.54
C LEU E 185 7.05 11.59 -19.52
N SER E 186 6.92 12.87 -19.17
CA SER E 186 7.39 13.95 -20.02
C SER E 186 8.30 14.88 -19.24
N SER E 187 9.26 15.47 -19.94
CA SER E 187 10.07 16.53 -19.38
C SER E 187 10.08 17.69 -20.35
N VAL E 188 9.73 18.88 -19.86
CA VAL E 188 9.67 20.07 -20.69
C VAL E 188 10.56 21.17 -20.15
N VAL E 189 10.85 22.14 -20.98
CA VAL E 189 11.61 23.30 -20.58
C VAL E 189 11.14 24.50 -21.39
N THR E 190 10.98 25.63 -20.71
CA THR E 190 10.63 26.87 -21.38
C THR E 190 11.90 27.69 -21.64
N VAL E 191 12.04 28.17 -22.86
CA VAL E 191 13.23 28.91 -23.26
C VAL E 191 12.86 30.12 -24.11
N PRO E 192 13.76 31.10 -24.20
CA PRO E 192 13.53 32.28 -25.04
C PRO E 192 13.18 31.88 -26.46
N SER E 193 12.09 32.43 -26.98
CA SER E 193 11.65 32.13 -28.33
C SER E 193 12.76 32.39 -29.36
N SER E 194 13.69 33.27 -29.01
CA SER E 194 14.73 33.70 -29.94
C SER E 194 15.93 32.76 -30.00
N SER E 195 16.18 32.04 -28.91
CA SER E 195 17.33 31.14 -28.84
C SER E 195 17.08 29.84 -29.61
N LEU E 196 15.88 29.72 -30.18
CA LEU E 196 15.55 28.57 -31.02
C LEU E 196 16.39 28.58 -32.29
N GLY E 197 16.65 27.40 -32.84
CA GLY E 197 17.38 27.28 -34.10
C GLY E 197 18.85 27.64 -34.00
N THR E 198 19.20 28.46 -33.03
CA THR E 198 20.58 28.85 -32.81
C THR E 198 21.16 28.09 -31.63
N GLN E 199 20.43 28.10 -30.52
CA GLN E 199 20.81 27.32 -29.34
C GLN E 199 20.32 25.89 -29.50
N THR E 200 21.19 24.93 -29.21
CA THR E 200 20.84 23.52 -29.33
C THR E 200 20.36 22.96 -28.00
N TYR E 201 19.26 22.20 -28.05
CA TYR E 201 18.69 21.59 -26.84
C TYR E 201 18.66 20.07 -26.95
N ILE E 202 19.30 19.39 -26.00
CA ILE E 202 19.36 17.94 -25.99
C ILE E 202 18.88 17.38 -24.67
N CYS E 203 17.85 16.55 -24.72
CA CYS E 203 17.35 15.90 -23.50
C CYS E 203 18.13 14.61 -23.24
N ASN E 204 18.57 14.45 -22.00
CA ASN E 204 19.40 13.33 -21.62
C ASN E 204 18.62 12.34 -20.76
N VAL E 205 18.11 11.29 -21.38
CA VAL E 205 17.31 10.29 -20.69
C VAL E 205 18.18 9.14 -20.17
N ASN E 206 17.91 8.71 -18.94
CA ASN E 206 18.64 7.62 -18.32
C ASN E 206 17.73 6.62 -17.64
N HIS E 207 17.81 5.36 -18.06
CA HIS E 207 17.03 4.29 -17.48
C HIS E 207 17.95 3.16 -17.04
N LYS E 208 18.60 3.33 -15.89
CA LYS E 208 19.53 2.34 -15.37
C LYS E 208 18.96 0.91 -15.33
N PRO E 209 17.72 0.76 -14.87
CA PRO E 209 17.10 -0.57 -14.79
C PRO E 209 17.25 -1.39 -16.07
N SER E 210 17.37 -0.71 -17.22
CA SER E 210 17.57 -1.40 -18.49
C SER E 210 18.90 -0.98 -19.11
N ASN E 211 19.73 -0.32 -18.32
CA ASN E 211 21.01 0.18 -18.78
C ASN E 211 20.86 0.93 -20.10
N THR E 212 19.83 1.77 -20.17
CA THR E 212 19.52 2.52 -21.38
C THR E 212 19.83 4.00 -21.21
N LYS E 213 20.62 4.55 -22.13
CA LYS E 213 20.93 5.98 -22.13
C LYS E 213 20.66 6.58 -23.51
N VAL E 214 19.82 7.60 -23.54
CA VAL E 214 19.47 8.25 -24.79
C VAL E 214 19.62 9.76 -24.72
N ASP E 215 20.22 10.34 -25.75
CA ASP E 215 20.34 11.78 -25.85
C ASP E 215 19.68 12.24 -27.14
N LYS E 216 18.53 12.88 -27.01
CA LYS E 216 17.75 13.29 -28.17
C LYS E 216 17.84 14.80 -28.37
N LYS E 217 18.08 15.20 -29.60
CA LYS E 217 18.12 16.61 -29.96
C LYS E 217 16.71 17.09 -30.30
N VAL E 218 16.22 18.07 -29.55
CA VAL E 218 14.92 18.64 -29.83
C VAL E 218 15.08 19.89 -30.69
N GLU E 219 14.31 19.98 -31.77
CA GLU E 219 14.37 21.12 -32.67
C GLU E 219 13.05 21.38 -33.38
N PRO E 220 12.77 22.66 -33.68
CA PRO E 220 11.56 23.11 -34.38
C PRO E 220 11.29 22.30 -35.65
C ACE F 1 38.90 9.58 21.48
O ACE F 1 39.33 10.74 21.43
CH3 ACE F 1 39.66 8.52 20.73
N ASN F 2 38.32 9.15 22.60
CA ASN F 2 38.61 7.81 23.14
C ASN F 2 37.80 6.67 22.54
N SER F 3 38.45 5.93 21.64
CA SER F 3 37.85 4.77 20.99
C SER F 3 37.46 3.69 21.99
N GLU F 4 38.27 3.54 23.04
CA GLU F 4 38.02 2.50 24.03
C GLU F 4 36.94 2.93 25.03
N LEU F 5 36.97 4.20 25.43
CA LEU F 5 35.96 4.72 26.33
C LEU F 5 34.57 4.60 25.71
N LEU F 6 34.51 4.82 24.40
CA LEU F 6 33.24 4.71 23.67
C LEU F 6 32.79 3.26 23.54
N SER F 7 33.70 2.38 23.14
CA SER F 7 33.36 0.97 22.96
C SER F 7 32.90 0.36 24.28
N LEU F 8 33.31 0.98 25.39
CA LEU F 8 32.86 0.56 26.71
C LEU F 8 31.43 1.00 26.97
N ILE F 9 31.17 2.28 26.70
CA ILE F 9 29.85 2.86 26.88
C ILE F 9 28.83 2.12 26.01
N ASN F 10 29.24 1.75 24.81
CA ASN F 10 28.36 1.02 23.90
C ASN F 10 28.05 -0.38 24.41
N ASP F 11 29.07 -1.05 24.97
CA ASP F 11 28.93 -2.40 25.48
C ASP F 11 27.98 -2.48 26.68
N MET F 12 27.86 -1.38 27.42
CA MET F 12 26.99 -1.32 28.59
C MET F 12 25.52 -1.52 28.24
N PRO F 13 24.72 -1.99 29.23
CA PRO F 13 23.30 -2.23 29.03
C PRO F 13 22.52 -1.02 29.49
N ILE F 14 22.44 0.02 28.66
CA ILE F 14 21.70 1.21 29.02
C ILE F 14 20.93 1.76 27.84
N THR F 15 19.99 2.66 28.13
CA THR F 15 19.21 3.31 27.09
C THR F 15 20.14 4.10 26.17
N ASN F 16 19.73 4.23 24.91
CA ASN F 16 20.49 5.02 23.95
C ASN F 16 20.76 6.44 24.46
N ASP F 17 19.80 7.01 25.18
CA ASP F 17 19.97 8.34 25.74
C ASP F 17 21.13 8.38 26.72
N GLN F 18 21.27 7.33 27.52
CA GLN F 18 22.34 7.28 28.51
C GLN F 18 23.70 7.14 27.84
N LYS F 19 23.78 6.35 26.79
CA LYS F 19 25.01 6.20 26.03
C LYS F 19 25.38 7.54 25.40
N LYS F 20 24.41 8.14 24.72
CA LYS F 20 24.57 9.44 24.10
C LYS F 20 24.95 10.50 25.12
N LEU F 21 24.29 10.47 26.27
CA LEU F 21 24.59 11.37 27.37
C LEU F 21 26.05 11.24 27.79
N MET F 22 26.49 10.00 27.95
CA MET F 22 27.84 9.72 28.43
C MET F 22 28.92 9.94 27.37
N SER F 23 28.57 9.82 26.10
CA SER F 23 29.56 9.97 25.04
C SER F 23 29.79 11.44 24.66
N ASN F 24 28.74 12.26 24.74
CA ASN F 24 28.83 13.72 24.57
C ASN F 24 29.49 14.44 25.73
N ASN F 25 28.74 14.53 26.84
CA ASN F 25 29.24 14.97 28.16
C ASN F 25 29.94 16.36 28.27
N NH2 F 26 29.16 17.43 28.34
C1 EDO G . -37.40 14.70 -2.04
O1 EDO G . -38.79 14.59 -1.73
C2 EDO G . -36.78 15.72 -1.09
O2 EDO G . -37.26 15.46 0.23
C1 EDO H . 4.74 -14.08 -1.84
O1 EDO H . 3.51 -13.42 -1.50
C2 EDO H . 5.86 -13.05 -2.00
O2 EDO H . 6.20 -12.52 -0.71
C1 EDO I . 34.66 -4.42 21.25
O1 EDO I . 35.19 -3.60 20.20
C2 EDO I . 34.47 -3.58 22.51
O2 EDO I . 33.32 -2.75 22.38
#